data_7RM3
#
_entry.id   7RM3
#
_cell.length_a   56.404
_cell.length_b   144.436
_cell.length_c   60.471
_cell.angle_alpha   90.000
_cell.angle_beta   102.831
_cell.angle_gamma   90.000
#
_symmetry.space_group_name_H-M   'P 1 21 1'
#
loop_
_entity.id
_entity.type
_entity.pdbx_description
1 polymer '2E10.E9 Fab heavy chain'
2 polymer '2E10.E9 Fab light chain'
3 polymer 'peptide from Circumsporozoite protein variant VK247'
4 non-polymer 'SODIUM ION'
5 non-polymer 'ACETATE ION'
6 water water
#
loop_
_entity_poly.entity_id
_entity_poly.type
_entity_poly.pdbx_seq_one_letter_code
_entity_poly.pdbx_strand_id
1 'polypeptide(L)'
;NSQIQLVQSGPELKKPGETVKISCKASGYTFTNYGMNWVKQAPGKGLKWMGWINSNTGEPTYAEEFKGRFAFSLETSAST
AYLQINNLKNEDTATYFCARWANCGCAMDYWGQGTTVTVSSASTKGPSVFPLAPSSKSTSGGTAALGCLVKDYFPEPVTV
SWNSGALTSGVHTFPAVLQSSGLYSLSSVVTVPSSSLGTQTYICNVNHKPSNTKVDKKVEPKSC
;
A,C
2 'polypeptide(L)'
;DIVMTQSPSSLTVTAGEKVSMSCKSSQSLFTSGKQKNYLTWYQQKPGQPPKLLIYWASTRNSGLPDRFTGSGSGTDFTLT
ISSVQAEDLAVYYCQNDYSYPFTFGSGTKLEIKRTVAAPSVFIFPPSDEQLKSGTASVVCLLNNFYPREAKVQWKVDNAL
QSGNSQESVTEQDSKDSTYSLSSTLTLSKADYEKHKVYACEVTHQGLSSPVTKSFNRGEC
;
B,D
3 'polypeptide(L)' ANGAGNQPGANGAGNQPGANGAGGQAA P,Q
#
loop_
_chem_comp.id
_chem_comp.type
_chem_comp.name
_chem_comp.formula
ACT non-polymer 'ACETATE ION' 'C2 H3 O2 -1'
NA non-polymer 'SODIUM ION' 'Na 1'
#
# COMPACT_ATOMS: atom_id res chain seq x y z
N GLN A 3 -26.84 27.79 -23.25
CA GLN A 3 -26.06 26.58 -23.06
C GLN A 3 -24.70 26.87 -22.39
N ILE A 4 -24.71 26.95 -21.05
CA ILE A 4 -23.64 27.59 -20.30
C ILE A 4 -22.62 26.56 -19.81
N GLN A 5 -21.34 26.79 -20.15
CA GLN A 5 -20.25 25.89 -19.85
C GLN A 5 -19.11 26.66 -19.19
N LEU A 6 -18.53 26.10 -18.13
CA LEU A 6 -17.26 26.56 -17.57
C LEU A 6 -16.20 25.51 -17.88
N VAL A 7 -15.17 25.90 -18.62
CA VAL A 7 -14.13 24.99 -19.02
C VAL A 7 -12.83 25.42 -18.35
N GLN A 8 -12.21 24.52 -17.61
CA GLN A 8 -10.98 24.81 -16.89
C GLN A 8 -9.80 24.21 -17.64
N SER A 9 -8.62 24.75 -17.37
CA SER A 9 -7.42 24.23 -18.01
C SER A 9 -7.05 22.87 -17.43
N GLY A 10 -6.14 22.20 -18.10
CA GLY A 10 -5.83 20.81 -17.78
C GLY A 10 -4.94 20.65 -16.56
N PRO A 11 -4.80 19.40 -16.12
CA PRO A 11 -4.03 19.12 -14.89
C PRO A 11 -2.56 19.37 -15.09
N GLU A 12 -1.90 19.84 -14.03
CA GLU A 12 -0.50 20.24 -14.14
C GLU A 12 0.32 19.68 -12.99
N LEU A 13 1.57 19.36 -13.32
CA LEU A 13 2.58 18.94 -12.36
C LEU A 13 3.61 20.05 -12.24
N LYS A 14 3.77 20.57 -11.03
CA LYS A 14 4.68 21.68 -10.79
C LYS A 14 5.59 21.36 -9.61
N LYS A 15 6.84 21.81 -9.67
CA LYS A 15 7.79 21.54 -8.60
C LYS A 15 7.52 22.46 -7.44
N PRO A 16 8.01 22.14 -6.23
CA PRO A 16 7.80 23.06 -5.11
C PRO A 16 8.53 24.38 -5.35
N GLY A 17 7.86 25.48 -5.02
CA GLY A 17 8.40 26.80 -5.27
C GLY A 17 7.98 27.43 -6.60
N GLU A 18 7.57 26.61 -7.57
CA GLU A 18 7.19 27.09 -8.89
C GLU A 18 5.83 27.79 -8.79
N THR A 19 5.29 28.20 -9.93
CA THR A 19 4.09 29.04 -9.98
C THR A 19 3.11 28.43 -10.98
N VAL A 20 1.82 28.47 -10.65
CA VAL A 20 0.81 27.91 -11.56
C VAL A 20 -0.30 28.92 -11.79
N LYS A 21 -0.79 28.99 -13.02
CA LYS A 21 -2.02 29.70 -13.35
C LYS A 21 -3.01 28.76 -14.02
N ILE A 22 -4.24 28.77 -13.52
CA ILE A 22 -5.36 27.98 -14.01
C ILE A 22 -6.36 28.93 -14.64
N SER A 23 -6.78 28.61 -15.85
CA SER A 23 -7.82 29.37 -16.52
C SER A 23 -9.19 28.72 -16.33
N CYS A 24 -10.23 29.54 -16.50
CA CYS A 24 -11.63 29.12 -16.36
C CYS A 24 -12.40 29.95 -17.39
N LYS A 25 -12.59 29.38 -18.58
CA LYS A 25 -13.27 30.07 -19.67
C LYS A 25 -14.75 29.77 -19.61
N ALA A 26 -15.56 30.78 -19.35
CA ALA A 26 -17.01 30.64 -19.31
C ALA A 26 -17.61 31.05 -20.64
N SER A 27 -18.72 30.40 -20.98
CA SER A 27 -19.43 30.75 -22.20
C SER A 27 -20.91 30.48 -21.98
N GLY A 28 -21.73 31.27 -22.66
CA GLY A 28 -23.17 31.09 -22.66
C GLY A 28 -23.94 32.11 -21.87
N TYR A 29 -23.27 32.96 -21.08
CA TYR A 29 -23.96 33.99 -20.33
C TYR A 29 -23.17 35.30 -20.39
N THR A 30 -23.82 36.39 -20.02
CA THR A 30 -23.12 37.67 -19.95
C THR A 30 -22.15 37.62 -18.76
N PHE A 31 -20.85 37.63 -19.07
CA PHE A 31 -19.82 37.22 -18.11
C PHE A 31 -19.73 38.17 -16.93
N THR A 32 -19.88 39.46 -17.18
CA THR A 32 -19.61 40.48 -16.19
C THR A 32 -20.78 40.70 -15.26
N ASN A 33 -21.74 39.78 -15.24
CA ASN A 33 -22.87 39.90 -14.35
C ASN A 33 -22.89 38.83 -13.27
N TYR A 34 -21.89 37.96 -13.22
CA TYR A 34 -21.90 36.83 -12.30
C TYR A 34 -20.49 36.66 -11.75
N GLY A 35 -20.32 36.82 -10.44
CA GLY A 35 -19.00 36.70 -9.86
C GLY A 35 -18.47 35.27 -9.86
N MET A 36 -17.16 35.14 -9.76
CA MET A 36 -16.52 33.84 -9.96
C MET A 36 -15.85 33.40 -8.66
N ASN A 37 -16.24 32.24 -8.16
CA ASN A 37 -15.72 31.63 -6.96
C ASN A 37 -14.66 30.60 -7.32
N TRP A 38 -13.75 30.37 -6.36
CA TRP A 38 -12.81 29.26 -6.42
C TRP A 38 -12.93 28.39 -5.18
N VAL A 39 -12.82 27.09 -5.36
CA VAL A 39 -13.03 26.11 -4.29
C VAL A 39 -11.89 25.09 -4.36
N LYS A 40 -11.29 24.79 -3.21
CA LYS A 40 -10.21 23.80 -3.12
C LYS A 40 -10.75 22.47 -2.59
N GLN A 41 -10.33 21.37 -3.24
CA GLN A 41 -10.56 20.02 -2.73
C GLN A 41 -9.27 19.22 -2.74
N ALA A 42 -8.71 18.97 -1.54
CA ALA A 42 -7.54 18.11 -1.41
C ALA A 42 -7.93 16.66 -1.73
N PRO A 43 -6.98 15.84 -2.23
CA PRO A 43 -7.32 14.48 -2.68
C PRO A 43 -7.91 13.62 -1.57
N GLY A 44 -9.10 13.09 -1.82
CA GLY A 44 -9.82 12.30 -0.85
C GLY A 44 -10.39 13.06 0.33
N LYS A 45 -10.46 14.40 0.25
CA LYS A 45 -10.85 15.23 1.37
C LYS A 45 -12.04 16.10 0.96
N GLY A 46 -12.47 17.00 1.86
CA GLY A 46 -13.68 17.76 1.67
C GLY A 46 -13.50 19.00 0.82
N LEU A 47 -14.52 19.87 0.86
CA LEU A 47 -14.50 21.09 0.08
C LEU A 47 -14.18 22.29 0.96
N LYS A 48 -13.33 23.19 0.46
CA LYS A 48 -13.03 24.45 1.15
C LYS A 48 -13.22 25.65 0.21
N TRP A 49 -13.94 26.65 0.69
CA TRP A 49 -14.16 27.85 -0.10
C TRP A 49 -12.93 28.77 0.02
N MET A 50 -12.31 29.08 -1.12
CA MET A 50 -11.08 29.87 -1.18
C MET A 50 -11.34 31.38 -1.28
N GLY A 51 -12.37 31.75 -2.02
CA GLY A 51 -12.70 33.15 -2.22
C GLY A 51 -13.49 33.34 -3.49
N TRP A 52 -13.76 34.60 -3.79
CA TRP A 52 -14.44 34.93 -5.03
C TRP A 52 -13.95 36.28 -5.53
N ILE A 53 -14.11 36.49 -6.83
CA ILE A 53 -13.74 37.75 -7.48
C ILE A 53 -14.97 38.31 -8.17
N ASN A 54 -15.11 39.64 -8.11
CA ASN A 54 -16.19 40.38 -8.73
C ASN A 54 -15.93 40.48 -10.23
N SER A 55 -16.85 39.96 -11.05
CA SER A 55 -16.69 40.03 -12.50
C SER A 55 -16.85 41.45 -13.02
N ASN A 56 -17.71 42.23 -12.39
CA ASN A 56 -17.90 43.60 -12.82
C ASN A 56 -16.68 44.45 -12.48
N THR A 57 -16.35 44.56 -11.18
CA THR A 57 -15.38 45.54 -10.70
C THR A 57 -13.95 45.04 -10.77
N GLY A 58 -13.75 43.74 -10.62
CA GLY A 58 -12.43 43.17 -10.54
C GLY A 58 -11.96 42.91 -9.13
N GLU A 59 -12.76 43.29 -8.13
CA GLU A 59 -12.34 43.21 -6.73
C GLU A 59 -12.31 41.77 -6.25
N PRO A 60 -11.17 41.27 -5.77
CA PRO A 60 -11.13 39.94 -5.17
C PRO A 60 -11.41 39.99 -3.68
N THR A 61 -11.82 38.82 -3.16
CA THR A 61 -12.13 38.59 -1.76
C THR A 61 -11.62 37.18 -1.44
N TYR A 62 -10.63 37.10 -0.55
CA TYR A 62 -10.02 35.81 -0.20
C TYR A 62 -10.42 35.34 1.19
N ALA A 63 -10.64 34.05 1.31
CA ALA A 63 -10.70 33.42 2.61
C ALA A 63 -9.34 33.49 3.27
N GLU A 64 -9.36 33.52 4.61
CA GLU A 64 -8.19 33.88 5.41
C GLU A 64 -6.99 32.98 5.13
N GLU A 65 -7.25 31.69 4.87
CA GLU A 65 -6.18 30.74 4.61
C GLU A 65 -5.50 31.00 3.27
N PHE A 66 -6.17 31.63 2.31
CA PHE A 66 -5.65 31.77 0.97
C PHE A 66 -5.13 33.17 0.67
N LYS A 67 -5.00 34.02 1.68
CA LYS A 67 -4.48 35.36 1.47
C LYS A 67 -2.96 35.34 1.40
N GLY A 68 -2.40 35.91 0.35
CA GLY A 68 -0.95 36.03 0.30
C GLY A 68 -0.24 35.22 -0.77
N ARG A 69 -0.63 33.97 -0.96
CA ARG A 69 -0.01 33.13 -1.97
C ARG A 69 -0.92 32.88 -3.17
N PHE A 70 -2.14 33.40 -3.13
CA PHE A 70 -3.13 33.14 -4.16
C PHE A 70 -3.61 34.45 -4.73
N ALA A 71 -3.84 34.47 -6.04
CA ALA A 71 -4.29 35.67 -6.73
C ALA A 71 -5.46 35.30 -7.66
N PHE A 72 -6.55 36.05 -7.58
CA PHE A 72 -7.64 35.93 -8.53
C PHE A 72 -7.49 37.07 -9.54
N SER A 73 -7.64 36.76 -10.83
CA SER A 73 -7.69 37.81 -11.82
C SER A 73 -8.77 37.47 -12.86
N LEU A 74 -9.05 38.45 -13.74
CA LEU A 74 -10.00 38.27 -14.82
C LEU A 74 -9.38 38.69 -16.15
N GLU A 75 -9.94 38.14 -17.23
CA GLU A 75 -9.84 38.72 -18.57
C GLU A 75 -11.26 38.73 -19.13
N THR A 76 -11.88 39.91 -19.09
CA THR A 76 -13.28 40.06 -19.45
C THR A 76 -13.50 39.90 -20.95
N SER A 77 -12.58 40.40 -21.76
CA SER A 77 -12.66 40.29 -23.21
C SER A 77 -12.66 38.83 -23.70
N ALA A 78 -12.19 37.88 -22.88
CA ALA A 78 -12.19 36.46 -23.23
C ALA A 78 -13.07 35.64 -22.31
N SER A 79 -13.90 36.28 -21.46
CA SER A 79 -14.84 35.62 -20.56
C SER A 79 -14.15 34.59 -19.67
N THR A 80 -12.92 34.89 -19.24
CA THR A 80 -12.09 33.89 -18.57
C THR A 80 -11.59 34.40 -17.23
N ALA A 81 -11.82 33.61 -16.18
CA ALA A 81 -11.26 33.87 -14.85
C ALA A 81 -9.95 33.13 -14.66
N TYR A 82 -9.05 33.67 -13.83
CA TYR A 82 -7.77 33.02 -13.60
C TYR A 82 -7.50 32.89 -12.11
N LEU A 83 -6.89 31.77 -11.72
CA LEU A 83 -6.39 31.54 -10.37
C LEU A 83 -4.89 31.31 -10.45
N GLN A 84 -4.12 32.03 -9.66
CA GLN A 84 -2.67 31.87 -9.69
C GLN A 84 -2.20 31.50 -8.28
N ILE A 85 -1.39 30.44 -8.19
CA ILE A 85 -0.79 30.04 -6.92
C ILE A 85 0.71 30.25 -7.04
N ASN A 86 1.26 31.04 -6.12
CA ASN A 86 2.67 31.37 -6.09
C ASN A 86 3.37 30.56 -5.01
N ASN A 87 4.65 30.28 -5.25
CA ASN A 87 5.53 29.61 -4.28
C ASN A 87 4.88 28.31 -3.81
N LEU A 88 4.70 27.41 -4.77
CA LEU A 88 3.89 26.23 -4.52
C LEU A 88 4.49 25.37 -3.42
N LYS A 89 3.62 24.98 -2.49
CA LYS A 89 3.93 24.08 -1.38
C LYS A 89 3.33 22.69 -1.63
N ASN A 90 3.69 21.75 -0.75
CA ASN A 90 3.16 20.38 -0.84
C ASN A 90 1.65 20.35 -0.55
N GLU A 91 1.17 21.27 0.29
CA GLU A 91 -0.22 21.32 0.72
C GLU A 91 -1.14 21.79 -0.40
N ASP A 92 -0.58 22.19 -1.53
CA ASP A 92 -1.34 22.72 -2.63
C ASP A 92 -1.69 21.67 -3.67
N THR A 93 -1.23 20.44 -3.47
CA THR A 93 -1.75 19.35 -4.29
C THR A 93 -3.23 19.18 -4.01
N ALA A 94 -4.06 19.45 -5.02
CA ALA A 94 -5.52 19.41 -4.86
C ALA A 94 -6.13 19.54 -6.24
N THR A 95 -7.46 19.54 -6.27
CA THR A 95 -8.25 19.93 -7.42
C THR A 95 -8.90 21.27 -7.12
N TYR A 96 -8.76 22.22 -8.02
CA TYR A 96 -9.31 23.56 -7.87
C TYR A 96 -10.48 23.74 -8.83
N PHE A 97 -11.65 24.07 -8.27
CA PHE A 97 -12.85 24.35 -9.04
C PHE A 97 -13.07 25.85 -9.15
N CYS A 98 -13.52 26.29 -10.32
CA CYS A 98 -14.14 27.59 -10.47
C CYS A 98 -15.64 27.35 -10.53
N ALA A 99 -16.41 28.25 -9.92
CA ALA A 99 -17.85 28.12 -9.79
C ALA A 99 -18.49 29.49 -9.90
N ARG A 100 -19.71 29.55 -10.37
CA ARG A 100 -20.34 30.83 -10.62
C ARG A 100 -21.35 31.15 -9.54
N TRP A 101 -21.38 32.40 -9.09
CA TRP A 101 -22.49 32.85 -8.26
C TRP A 101 -23.79 32.80 -9.05
N ALA A 102 -24.82 32.22 -8.43
CA ALA A 102 -26.17 32.22 -9.00
C ALA A 102 -26.73 33.63 -9.00
N ASN A 103 -27.83 33.81 -9.74
CA ASN A 103 -28.39 35.15 -9.85
C ASN A 103 -29.02 35.58 -8.54
N CYS A 104 -29.45 34.61 -7.72
CA CYS A 104 -29.88 34.86 -6.35
C CYS A 104 -28.80 35.52 -5.48
N GLY A 105 -27.54 35.11 -5.65
CA GLY A 105 -26.52 35.45 -4.69
C GLY A 105 -26.47 34.58 -3.45
N CYS A 106 -27.05 33.38 -3.54
CA CYS A 106 -27.30 32.53 -2.38
C CYS A 106 -26.67 31.15 -2.51
N ALA A 107 -26.06 30.84 -3.65
CA ALA A 107 -25.60 29.51 -4.00
C ALA A 107 -24.68 29.62 -5.20
N MET A 108 -23.90 28.57 -5.44
CA MET A 108 -23.04 28.48 -6.61
C MET A 108 -23.63 27.54 -7.64
N ASP A 109 -23.92 28.10 -8.82
CA ASP A 109 -24.84 27.58 -9.81
C ASP A 109 -24.18 26.59 -10.77
N TYR A 110 -23.20 27.07 -11.55
CA TYR A 110 -22.51 26.25 -12.54
C TYR A 110 -21.05 26.12 -12.15
N TRP A 111 -20.53 24.89 -12.27
CA TRP A 111 -19.18 24.58 -11.82
C TRP A 111 -18.34 24.12 -12.99
N GLY A 112 -17.05 24.44 -12.91
CA GLY A 112 -16.09 23.84 -13.81
C GLY A 112 -15.80 22.41 -13.39
N GLN A 113 -15.05 21.73 -14.23
CA GLN A 113 -14.82 20.30 -14.04
C GLN A 113 -13.62 20.01 -13.16
N GLY A 114 -12.94 21.04 -12.67
CA GLY A 114 -11.82 20.93 -11.76
C GLY A 114 -10.50 20.89 -12.49
N THR A 115 -9.46 21.39 -11.82
CA THR A 115 -8.09 21.29 -12.31
C THR A 115 -7.25 20.68 -11.21
N THR A 116 -6.62 19.55 -11.47
CA THR A 116 -5.77 18.91 -10.47
C THR A 116 -4.33 19.39 -10.64
N VAL A 117 -3.80 19.98 -9.57
CA VAL A 117 -2.40 20.37 -9.46
C VAL A 117 -1.69 19.39 -8.53
N THR A 118 -0.58 18.84 -9.00
CA THR A 118 0.28 18.01 -8.20
C THR A 118 1.61 18.72 -8.03
N VAL A 119 2.01 18.89 -6.78
CA VAL A 119 3.26 19.54 -6.43
C VAL A 119 4.24 18.45 -6.04
N SER A 120 5.29 18.29 -6.86
CA SER A 120 6.25 17.22 -6.67
C SER A 120 7.53 17.54 -7.44
N SER A 121 8.67 17.22 -6.84
CA SER A 121 9.97 17.33 -7.49
C SER A 121 10.14 16.39 -8.67
N ALA A 122 9.29 15.35 -8.77
CA ALA A 122 9.50 14.29 -9.74
C ALA A 122 9.00 14.74 -11.10
N SER A 123 9.46 14.04 -12.13
CA SER A 123 9.14 14.41 -13.49
C SER A 123 8.05 13.50 -14.06
N THR A 124 7.49 13.94 -15.18
CA THR A 124 6.33 13.29 -15.77
C THR A 124 6.73 12.01 -16.45
N LYS A 125 5.91 10.98 -16.24
CA LYS A 125 6.01 9.73 -16.98
C LYS A 125 4.67 9.49 -17.66
N GLY A 126 4.73 9.18 -18.95
CA GLY A 126 3.54 8.82 -19.69
C GLY A 126 3.30 7.32 -19.64
N PRO A 127 2.03 6.92 -19.68
CA PRO A 127 1.69 5.51 -19.53
C PRO A 127 1.99 4.69 -20.77
N SER A 128 2.14 3.39 -20.57
CA SER A 128 1.99 2.37 -21.59
C SER A 128 0.59 1.77 -21.50
N VAL A 129 0.03 1.37 -22.64
CA VAL A 129 -1.34 0.85 -22.68
C VAL A 129 -1.32 -0.56 -23.27
N PHE A 130 -1.93 -1.51 -22.57
CA PHE A 130 -1.88 -2.88 -23.02
C PHE A 130 -3.29 -3.45 -22.99
N PRO A 131 -3.66 -4.27 -23.97
CA PRO A 131 -5.04 -4.76 -24.01
C PRO A 131 -5.29 -5.90 -23.04
N LEU A 132 -6.47 -5.87 -22.42
CA LEU A 132 -7.01 -7.00 -21.68
C LEU A 132 -8.06 -7.62 -22.61
N ALA A 133 -7.60 -8.53 -23.50
CA ALA A 133 -8.43 -9.10 -24.55
C ALA A 133 -9.39 -10.15 -23.98
N PRO A 134 -10.62 -10.23 -24.53
CA PRO A 134 -11.55 -11.30 -24.14
C PRO A 134 -11.09 -12.63 -24.68
N SER A 135 -11.26 -13.69 -23.91
CA SER A 135 -10.59 -14.90 -24.34
C SER A 135 -11.36 -16.20 -24.19
N SER A 136 -12.46 -16.23 -23.42
CA SER A 136 -13.17 -17.38 -22.82
C SER A 136 -12.57 -17.75 -21.48
N LYS A 137 -11.45 -17.17 -21.11
CA LYS A 137 -11.08 -17.08 -19.72
C LYS A 137 -11.69 -15.81 -19.15
N SER A 138 -12.32 -15.05 -20.03
CA SER A 138 -13.02 -13.82 -19.74
C SER A 138 -14.52 -13.97 -19.98
N THR A 139 -15.03 -15.18 -19.78
CA THR A 139 -16.43 -15.49 -19.99
C THR A 139 -17.09 -15.77 -18.65
N SER A 140 -18.27 -15.19 -18.45
CA SER A 140 -19.15 -15.53 -17.33
C SER A 140 -20.58 -15.42 -17.85
N GLY A 141 -21.40 -16.41 -17.52
CA GLY A 141 -22.74 -16.48 -18.07
C GLY A 141 -22.62 -16.44 -19.57
N GLY A 142 -23.35 -15.53 -20.20
CA GLY A 142 -23.18 -15.31 -21.62
C GLY A 142 -22.33 -14.11 -21.91
N THR A 143 -21.72 -13.47 -20.91
CA THR A 143 -21.10 -12.17 -21.09
C THR A 143 -19.58 -12.28 -21.07
N ALA A 144 -18.93 -11.38 -21.82
CA ALA A 144 -17.49 -11.29 -21.95
C ALA A 144 -16.97 -10.05 -21.25
N ALA A 145 -15.73 -10.09 -20.76
CA ALA A 145 -15.06 -8.95 -20.15
C ALA A 145 -13.83 -8.55 -20.96
N LEU A 146 -13.57 -7.26 -21.04
CA LEU A 146 -12.38 -6.78 -21.73
C LEU A 146 -11.94 -5.47 -21.10
N GLY A 147 -10.74 -5.03 -21.44
CA GLY A 147 -10.26 -3.81 -20.82
C GLY A 147 -8.94 -3.33 -21.36
N CYS A 148 -8.40 -2.36 -20.64
CA CYS A 148 -7.12 -1.72 -20.91
C CYS A 148 -6.32 -1.61 -19.63
N LEU A 149 -5.07 -2.03 -19.70
CA LEU A 149 -4.12 -1.82 -18.62
C LEU A 149 -3.35 -0.54 -18.94
N VAL A 150 -3.45 0.45 -18.05
CA VAL A 150 -2.74 1.71 -18.22
C VAL A 150 -1.63 1.75 -17.16
N LYS A 151 -0.41 1.45 -17.59
CA LYS A 151 0.68 1.15 -16.69
C LYS A 151 1.79 2.21 -16.71
N ASP A 152 2.39 2.43 -15.53
CA ASP A 152 3.63 3.18 -15.30
C ASP A 152 3.53 4.65 -15.69
N TYR A 153 2.72 5.39 -14.94
CA TYR A 153 2.55 6.81 -15.27
C TYR A 153 2.58 7.66 -14.01
N PHE A 154 2.94 8.93 -14.21
CA PHE A 154 3.02 9.93 -13.15
C PHE A 154 2.88 11.35 -13.70
N PRO A 155 2.03 12.21 -13.10
CA PRO A 155 1.13 12.00 -11.97
C PRO A 155 -0.29 11.62 -12.36
N GLU A 156 -1.15 11.45 -11.35
CA GLU A 156 -2.58 11.39 -11.60
C GLU A 156 -3.05 12.77 -12.06
N PRO A 157 -4.11 12.84 -12.88
CA PRO A 157 -4.97 11.77 -13.38
C PRO A 157 -4.62 11.30 -14.77
N VAL A 158 -5.05 10.09 -15.11
CA VAL A 158 -5.29 9.69 -16.50
C VAL A 158 -6.79 9.73 -16.71
N THR A 159 -7.19 10.10 -17.91
CA THR A 159 -8.56 9.97 -18.38
C THR A 159 -8.65 8.69 -19.21
N VAL A 160 -9.62 7.84 -18.89
CA VAL A 160 -9.99 6.74 -19.77
C VAL A 160 -11.44 6.91 -20.21
N SER A 161 -11.67 6.85 -21.51
CA SER A 161 -13.03 6.67 -22.06
C SER A 161 -13.04 5.49 -23.01
N TRP A 162 -14.23 5.06 -23.41
CA TRP A 162 -14.38 4.02 -24.41
C TRP A 162 -15.17 4.57 -25.61
N ASN A 163 -14.63 4.32 -26.81
CA ASN A 163 -15.30 4.62 -28.08
C ASN A 163 -15.68 6.08 -28.17
N SER A 164 -14.70 6.94 -27.81
CA SER A 164 -14.80 8.39 -27.83
C SER A 164 -15.93 8.88 -26.96
N GLY A 165 -16.21 8.13 -25.89
CA GLY A 165 -17.21 8.52 -24.94
C GLY A 165 -18.58 7.95 -25.18
N ALA A 166 -18.78 7.15 -26.23
CA ALA A 166 -20.09 6.62 -26.58
C ALA A 166 -20.43 5.33 -25.84
N LEU A 167 -19.50 4.80 -25.05
CA LEU A 167 -19.67 3.55 -24.33
C LEU A 167 -19.39 3.84 -22.87
N THR A 168 -20.44 3.76 -22.05
CA THR A 168 -20.32 4.05 -20.63
C THR A 168 -20.91 2.92 -19.79
N SER A 169 -21.93 2.27 -20.34
CA SER A 169 -22.67 1.27 -19.60
C SER A 169 -21.78 0.09 -19.26
N GLY A 170 -21.74 -0.26 -17.96
CA GLY A 170 -20.99 -1.43 -17.56
C GLY A 170 -19.50 -1.26 -17.50
N VAL A 171 -19.01 -0.02 -17.50
CA VAL A 171 -17.58 0.28 -17.45
C VAL A 171 -17.17 0.51 -16.02
N HIS A 172 -16.12 -0.20 -15.57
CA HIS A 172 -15.44 0.11 -14.32
C HIS A 172 -14.01 0.56 -14.61
N THR A 173 -13.73 1.84 -14.37
CA THR A 173 -12.36 2.33 -14.30
C THR A 173 -11.94 2.40 -12.84
N PHE A 174 -10.94 1.56 -12.47
CA PHE A 174 -10.51 1.38 -11.08
C PHE A 174 -9.63 2.52 -10.60
N PRO A 175 -9.74 2.87 -9.31
CA PRO A 175 -8.74 3.76 -8.71
C PRO A 175 -7.34 3.20 -8.91
N ALA A 176 -6.41 4.09 -9.24
CA ALA A 176 -5.04 3.70 -9.47
C ALA A 176 -4.38 3.22 -8.16
N VAL A 177 -3.44 2.29 -8.30
CA VAL A 177 -2.53 1.88 -7.24
C VAL A 177 -1.24 2.63 -7.43
N LEU A 178 -0.55 2.86 -6.33
CA LEU A 178 0.80 3.39 -6.35
C LEU A 178 1.72 2.18 -6.36
N GLN A 179 2.29 1.84 -7.51
CA GLN A 179 3.15 0.67 -7.45
C GLN A 179 4.51 1.05 -6.87
N SER A 180 5.29 0.04 -6.47
CA SER A 180 6.43 0.24 -5.56
C SER A 180 7.55 1.11 -6.15
N SER A 181 7.61 1.25 -7.47
CA SER A 181 8.48 2.15 -8.22
C SER A 181 8.10 3.63 -8.09
N GLY A 182 7.06 3.99 -7.34
CA GLY A 182 6.59 5.36 -7.31
C GLY A 182 5.66 5.76 -8.46
N LEU A 183 5.51 4.92 -9.48
CA LEU A 183 4.63 5.22 -10.59
C LEU A 183 3.24 4.65 -10.37
N TYR A 184 2.22 5.31 -10.95
CA TYR A 184 0.85 4.87 -10.83
C TYR A 184 0.49 3.90 -11.95
N SER A 185 -0.46 3.01 -11.63
CA SER A 185 -0.93 2.00 -12.57
C SER A 185 -2.43 1.83 -12.38
N LEU A 186 -3.17 1.60 -13.47
CA LEU A 186 -4.64 1.55 -13.50
C LEU A 186 -5.10 0.56 -14.55
N SER A 187 -6.33 0.07 -14.44
CA SER A 187 -6.96 -0.75 -15.48
C SER A 187 -8.41 -0.33 -15.64
N SER A 188 -8.91 -0.32 -16.88
CA SER A 188 -10.31 -0.03 -17.19
C SER A 188 -10.98 -1.23 -17.88
N VAL A 189 -12.17 -1.62 -17.41
CA VAL A 189 -12.81 -2.84 -17.91
C VAL A 189 -14.27 -2.56 -18.26
N VAL A 190 -14.77 -3.31 -19.23
CA VAL A 190 -16.18 -3.32 -19.56
C VAL A 190 -16.64 -4.77 -19.76
N THR A 191 -17.88 -5.06 -19.36
CA THR A 191 -18.55 -6.30 -19.73
C THR A 191 -19.49 -6.07 -20.90
N VAL A 192 -19.40 -6.93 -21.92
CA VAL A 192 -20.17 -6.83 -23.17
C VAL A 192 -20.79 -8.19 -23.51
N PRO A 193 -21.71 -8.30 -24.46
CA PRO A 193 -22.16 -9.65 -24.84
C PRO A 193 -21.12 -10.38 -25.69
N SER A 194 -20.98 -11.67 -25.42
CA SER A 194 -19.96 -12.47 -26.09
C SER A 194 -20.31 -12.75 -27.56
N SER A 195 -21.61 -12.79 -27.92
CA SER A 195 -21.92 -13.02 -29.35
C SER A 195 -21.45 -11.87 -30.21
N SER A 196 -21.53 -10.64 -29.68
CA SER A 196 -21.24 -9.46 -30.48
C SER A 196 -19.74 -9.19 -30.64
N LEU A 197 -18.86 -9.89 -29.92
CA LEU A 197 -17.44 -9.85 -30.26
C LEU A 197 -17.30 -10.32 -31.69
N GLY A 198 -16.56 -9.60 -32.49
CA GLY A 198 -16.53 -9.93 -33.89
C GLY A 198 -17.50 -9.16 -34.74
N THR A 199 -18.54 -8.53 -34.17
CA THR A 199 -19.21 -7.44 -34.87
C THR A 199 -19.08 -6.07 -34.20
N GLN A 200 -18.90 -5.99 -32.89
CA GLN A 200 -18.70 -4.70 -32.24
C GLN A 200 -17.20 -4.47 -32.10
N THR A 201 -16.82 -3.19 -32.05
CA THR A 201 -15.45 -2.77 -31.80
C THR A 201 -15.40 -1.95 -30.53
N TYR A 202 -14.37 -2.20 -29.72
CA TYR A 202 -14.19 -1.56 -28.45
C TYR A 202 -12.81 -0.92 -28.42
N ILE A 203 -12.77 0.40 -28.32
CA ILE A 203 -11.52 1.15 -28.36
C ILE A 203 -11.40 1.90 -27.05
N CYS A 204 -10.33 1.66 -26.31
CA CYS A 204 -10.12 2.48 -25.12
C CYS A 204 -9.28 3.69 -25.50
N ASN A 205 -9.74 4.85 -25.06
CA ASN A 205 -9.12 6.15 -25.29
C ASN A 205 -8.48 6.59 -23.98
N VAL A 206 -7.15 6.67 -23.95
CA VAL A 206 -6.38 7.05 -22.78
C VAL A 206 -5.72 8.41 -23.03
N ASN A 207 -5.93 9.36 -22.12
CA ASN A 207 -5.37 10.71 -22.23
C ASN A 207 -4.66 11.01 -20.90
N HIS A 208 -3.33 11.14 -20.93
CA HIS A 208 -2.53 11.62 -19.80
C HIS A 208 -2.01 13.01 -20.16
N LYS A 209 -2.74 14.04 -19.72
CA LYS A 209 -2.36 15.39 -20.10
C LYS A 209 -0.98 15.86 -19.63
N PRO A 210 -0.48 15.54 -18.41
CA PRO A 210 0.82 16.12 -18.02
C PRO A 210 1.99 15.64 -18.86
N SER A 211 1.86 14.52 -19.56
CA SER A 211 2.88 14.08 -20.49
C SER A 211 2.44 14.21 -21.92
N ASN A 212 1.27 14.81 -22.16
CA ASN A 212 0.70 15.01 -23.49
C ASN A 212 0.62 13.68 -24.22
N THR A 213 0.12 12.66 -23.53
CA THR A 213 0.03 11.32 -24.09
C THR A 213 -1.42 10.99 -24.42
N LYS A 214 -1.71 10.72 -25.68
CA LYS A 214 -3.01 10.22 -26.10
C LYS A 214 -2.84 8.89 -26.84
N VAL A 215 -3.60 7.88 -26.41
CA VAL A 215 -3.51 6.54 -26.97
C VAL A 215 -4.93 6.07 -27.24
N ASP A 216 -5.17 5.55 -28.44
CA ASP A 216 -6.36 4.79 -28.76
C ASP A 216 -5.93 3.35 -29.01
N LYS A 217 -6.56 2.40 -28.32
CA LYS A 217 -6.17 1.00 -28.44
C LYS A 217 -7.42 0.19 -28.72
N LYS A 218 -7.45 -0.48 -29.86
CA LYS A 218 -8.57 -1.38 -30.19
C LYS A 218 -8.32 -2.71 -29.50
N VAL A 219 -9.24 -3.11 -28.61
CA VAL A 219 -9.12 -4.33 -27.84
C VAL A 219 -9.81 -5.44 -28.62
N GLU A 220 -9.03 -6.32 -29.26
CA GLU A 220 -9.52 -7.36 -30.15
C GLU A 220 -9.61 -8.73 -29.47
N PRO A 221 -10.57 -9.57 -29.86
CA PRO A 221 -10.69 -10.91 -29.26
C PRO A 221 -9.47 -11.77 -29.52
N LYS A 222 -9.12 -12.59 -28.53
CA LYS A 222 -7.88 -13.38 -28.59
C LYS A 222 -7.90 -14.47 -29.64
N SER A 223 -8.85 -15.41 -29.56
CA SER A 223 -8.72 -16.66 -30.34
C SER A 223 -8.83 -16.53 -31.87
N ASP B 1 -16.70 33.84 13.10
CA ASP B 1 -17.27 33.39 11.83
C ASP B 1 -18.14 32.11 11.96
N ILE B 2 -18.76 31.71 10.86
CA ILE B 2 -19.73 30.63 10.86
C ILE B 2 -19.01 29.30 10.65
N VAL B 3 -18.99 28.44 11.67
CA VAL B 3 -18.51 27.08 11.48
C VAL B 3 -19.70 26.15 11.22
N MET B 4 -19.60 25.33 10.18
CA MET B 4 -20.68 24.42 9.76
C MET B 4 -20.35 22.99 10.17
N THR B 5 -21.05 22.50 11.18
CA THR B 5 -20.88 21.14 11.70
C THR B 5 -21.95 20.24 11.09
N GLN B 6 -21.52 19.20 10.37
CA GLN B 6 -22.43 18.28 9.69
C GLN B 6 -22.43 16.92 10.37
N SER B 7 -23.58 16.24 10.33
CA SER B 7 -23.74 14.97 11.04
C SER B 7 -24.71 13.99 10.40
N PRO B 8 -24.41 12.68 10.43
CA PRO B 8 -23.16 11.97 10.78
C PRO B 8 -22.16 11.99 9.62
N SER B 9 -20.92 11.53 9.81
CA SER B 9 -19.95 11.63 8.72
C SER B 9 -20.25 10.63 7.61
N SER B 10 -20.51 9.38 7.96
CA SER B 10 -20.98 8.42 6.98
C SER B 10 -22.21 7.71 7.54
N LEU B 11 -23.19 7.50 6.69
CA LEU B 11 -24.39 6.77 7.08
C LEU B 11 -24.79 5.84 5.94
N THR B 12 -25.32 4.67 6.32
CA THR B 12 -25.60 3.59 5.39
C THR B 12 -27.07 3.21 5.51
N VAL B 13 -27.76 3.15 4.38
CA VAL B 13 -29.19 2.86 4.34
C VAL B 13 -29.51 1.87 3.20
N THR B 14 -30.65 1.17 3.31
CA THR B 14 -31.13 0.25 2.27
C THR B 14 -31.87 1.00 1.16
N ALA B 15 -31.76 0.50 -0.07
CA ALA B 15 -32.35 1.21 -1.21
C ALA B 15 -33.87 1.24 -1.10
N GLY B 16 -34.43 2.45 -1.11
CA GLY B 16 -35.85 2.68 -0.97
C GLY B 16 -36.24 3.38 0.31
N GLU B 17 -35.36 3.40 1.31
CA GLU B 17 -35.67 4.03 2.58
C GLU B 17 -35.53 5.54 2.51
N LYS B 18 -36.05 6.20 3.54
CA LYS B 18 -35.95 7.64 3.70
C LYS B 18 -34.94 7.93 4.80
N VAL B 19 -34.03 8.91 4.58
CA VAL B 19 -33.00 9.27 5.56
C VAL B 19 -32.88 10.77 5.76
N SER B 20 -32.20 11.09 6.86
CA SER B 20 -32.00 12.42 7.41
C SER B 20 -30.52 12.67 7.64
N MET B 21 -30.06 13.85 7.19
CA MET B 21 -28.71 14.37 7.39
C MET B 21 -28.83 15.75 8.02
N SER B 22 -27.93 16.10 8.94
CA SER B 22 -28.05 17.31 9.76
C SER B 22 -26.91 18.30 9.47
N CYS B 23 -27.26 19.58 9.38
CA CYS B 23 -26.30 20.67 9.25
C CYS B 23 -26.58 21.72 10.32
N LYS B 24 -25.61 21.96 11.20
CA LYS B 24 -25.72 22.86 12.34
C LYS B 24 -24.70 24.00 12.21
N SER B 25 -25.09 25.19 12.67
CA SER B 25 -24.29 26.41 12.57
C SER B 25 -23.67 26.80 13.89
N SER B 26 -22.82 27.84 13.82
CA SER B 26 -22.36 28.54 15.01
C SER B 26 -23.33 29.68 15.34
N GLN B 27 -23.51 30.61 14.41
CA GLN B 27 -24.46 31.72 14.50
C GLN B 27 -25.59 31.49 13.52
N SER B 28 -26.67 32.24 13.69
CA SER B 28 -27.84 32.03 12.85
C SER B 28 -27.61 32.52 11.42
N LEU B 29 -28.37 31.93 10.50
CA LEU B 29 -28.27 32.23 9.07
C LEU B 29 -29.52 32.94 8.56
N PHE B 30 -30.28 33.55 9.46
CA PHE B 30 -31.56 34.18 9.11
C PHE B 30 -31.34 35.66 8.76
N THR B 31 -32.07 36.15 7.75
CA THR B 31 -31.86 37.51 7.27
C THR B 31 -32.48 38.55 8.18
N SER B 32 -33.59 38.18 8.84
CA SER B 32 -34.36 39.01 9.78
C SER B 32 -35.19 40.04 9.02
N GLY B 33 -34.79 40.35 7.78
CA GLY B 33 -35.51 41.27 6.93
C GLY B 33 -36.15 40.63 5.72
N LYS B 34 -35.47 39.68 5.07
CA LYS B 34 -36.06 38.98 3.93
C LYS B 34 -36.75 37.70 4.34
N GLN B 35 -36.53 37.23 5.58
CA GLN B 35 -37.17 36.04 6.13
C GLN B 35 -36.88 34.82 5.27
N LYS B 36 -35.68 34.80 4.69
CA LYS B 36 -35.13 33.76 3.84
C LYS B 36 -33.85 33.25 4.49
N ASN B 37 -33.56 31.98 4.27
CA ASN B 37 -32.35 31.36 4.81
C ASN B 37 -31.28 31.30 3.73
N TYR B 38 -30.04 31.62 4.10
CA TYR B 38 -28.93 31.55 3.14
C TYR B 38 -28.10 30.30 3.39
N LEU B 39 -28.76 29.16 3.17
CA LEU B 39 -28.15 27.83 3.25
C LEU B 39 -28.34 27.15 1.91
N THR B 40 -27.32 26.39 1.51
CA THR B 40 -27.40 25.70 0.24
C THR B 40 -26.88 24.27 0.41
N TRP B 41 -27.58 23.33 -0.22
CA TRP B 41 -27.16 21.95 -0.30
C TRP B 41 -26.59 21.65 -1.69
N TYR B 42 -25.44 20.93 -1.69
CA TYR B 42 -24.68 20.51 -2.85
C TYR B 42 -24.42 19.00 -2.80
N GLN B 43 -24.41 18.37 -3.96
CA GLN B 43 -24.17 16.94 -4.09
C GLN B 43 -22.91 16.69 -4.91
N GLN B 44 -22.00 15.86 -4.42
CA GLN B 44 -20.80 15.48 -5.16
C GLN B 44 -20.77 13.98 -5.34
N LYS B 45 -21.15 13.53 -6.54
CA LYS B 45 -20.99 12.15 -6.97
C LYS B 45 -19.50 11.93 -7.29
N PRO B 46 -19.02 10.68 -7.26
CA PRO B 46 -17.58 10.45 -7.42
C PRO B 46 -17.06 10.84 -8.80
N GLY B 47 -15.92 11.55 -8.81
CA GLY B 47 -15.25 11.98 -10.02
C GLY B 47 -15.84 13.18 -10.71
N GLN B 48 -16.88 13.79 -10.14
CA GLN B 48 -17.59 14.91 -10.72
C GLN B 48 -17.32 16.19 -9.91
N PRO B 49 -17.57 17.36 -10.49
CA PRO B 49 -17.72 18.57 -9.68
C PRO B 49 -18.96 18.47 -8.82
N PRO B 50 -19.09 19.31 -7.80
CA PRO B 50 -20.37 19.36 -7.06
C PRO B 50 -21.48 19.88 -7.95
N LYS B 51 -22.69 19.43 -7.65
CA LYS B 51 -23.89 19.86 -8.36
C LYS B 51 -24.79 20.62 -7.39
N LEU B 52 -25.34 21.75 -7.83
CA LEU B 52 -26.28 22.48 -7.00
C LEU B 52 -27.57 21.68 -6.84
N LEU B 53 -27.93 21.39 -5.58
CA LEU B 53 -29.20 20.75 -5.27
C LEU B 53 -30.29 21.72 -4.81
N ILE B 54 -30.07 22.35 -3.66
CA ILE B 54 -31.11 23.14 -3.00
C ILE B 54 -30.54 24.48 -2.58
N TYR B 55 -31.21 25.57 -2.95
CA TYR B 55 -30.82 26.91 -2.53
C TYR B 55 -31.97 27.54 -1.73
N TRP B 56 -31.62 28.48 -0.83
CA TRP B 56 -32.59 29.12 0.06
C TRP B 56 -33.21 28.12 1.03
N ALA B 57 -32.51 27.01 1.24
CA ALA B 57 -32.72 25.98 2.25
C ALA B 57 -33.85 25.01 1.92
N SER B 58 -34.72 25.35 0.97
CA SER B 58 -35.72 24.38 0.55
C SER B 58 -36.04 24.46 -0.93
N THR B 59 -35.73 25.60 -1.57
CA THR B 59 -36.02 25.74 -2.98
C THR B 59 -35.12 24.84 -3.82
N ARG B 60 -35.73 24.05 -4.69
CA ARG B 60 -35.01 23.08 -5.48
C ARG B 60 -34.51 23.72 -6.77
N ASN B 61 -33.38 23.21 -7.25
CA ASN B 61 -32.82 23.70 -8.49
C ASN B 61 -33.66 23.22 -9.67
N SER B 62 -33.44 23.84 -10.82
CA SER B 62 -34.16 23.47 -12.03
C SER B 62 -33.78 22.05 -12.45
N GLY B 63 -34.79 21.23 -12.70
CA GLY B 63 -34.60 19.87 -13.15
C GLY B 63 -34.37 18.84 -12.07
N LEU B 64 -34.75 19.15 -10.82
CA LEU B 64 -34.42 18.21 -9.76
C LEU B 64 -35.61 17.31 -9.46
N PRO B 65 -35.37 16.04 -9.12
CA PRO B 65 -36.46 15.18 -8.67
C PRO B 65 -37.01 15.63 -7.32
N ASP B 66 -38.25 15.19 -7.06
CA ASP B 66 -38.97 15.66 -5.88
C ASP B 66 -38.74 14.77 -4.67
N ARG B 67 -37.60 14.10 -4.58
CA ARG B 67 -37.38 13.24 -3.44
C ARG B 67 -36.37 13.80 -2.46
N PHE B 68 -35.84 15.01 -2.68
CA PHE B 68 -34.91 15.66 -1.76
C PHE B 68 -35.65 16.82 -1.09
N THR B 69 -35.97 16.70 0.19
CA THR B 69 -36.54 17.85 0.87
C THR B 69 -35.75 18.16 2.14
N GLY B 70 -35.28 19.41 2.21
CA GLY B 70 -34.69 20.04 3.37
C GLY B 70 -35.49 21.26 3.75
N SER B 71 -35.87 21.46 5.01
CA SER B 71 -36.74 22.60 5.27
C SER B 71 -36.38 23.40 6.53
N GLY B 72 -35.17 23.27 7.06
CA GLY B 72 -34.82 23.95 8.30
C GLY B 72 -34.72 25.47 8.20
N SER B 73 -34.65 26.12 9.36
CA SER B 73 -34.34 27.56 9.47
C SER B 73 -33.53 27.83 10.73
N GLY B 74 -32.94 29.02 10.80
CA GLY B 74 -32.11 29.38 11.95
C GLY B 74 -30.78 28.66 11.95
N THR B 75 -30.52 27.90 13.01
CA THR B 75 -29.23 27.23 13.20
C THR B 75 -29.30 25.71 13.05
N ASP B 76 -30.47 25.14 12.80
CA ASP B 76 -30.61 23.70 12.65
C ASP B 76 -31.23 23.38 11.30
N PHE B 77 -30.58 22.51 10.51
CA PHE B 77 -31.05 22.19 9.18
C PHE B 77 -30.97 20.70 8.97
N THR B 78 -31.81 20.19 8.09
CA THR B 78 -31.79 18.78 7.74
C THR B 78 -32.05 18.64 6.25
N LEU B 79 -31.38 17.67 5.63
CA LEU B 79 -31.69 17.23 4.27
C LEU B 79 -32.15 15.78 4.32
N THR B 80 -33.32 15.50 3.71
CA THR B 80 -34.01 14.22 3.74
C THR B 80 -34.30 13.71 2.33
N ILE B 81 -34.06 12.41 2.09
CA ILE B 81 -34.31 11.78 0.78
C ILE B 81 -35.48 10.80 0.84
N SER B 82 -36.51 11.01 -0.01
CA SER B 82 -37.77 10.26 0.10
C SER B 82 -37.63 8.79 -0.27
N SER B 83 -37.04 8.50 -1.43
CA SER B 83 -36.71 7.14 -1.83
C SER B 83 -35.29 7.14 -2.36
N VAL B 84 -34.37 6.54 -1.61
CA VAL B 84 -32.98 6.51 -2.06
C VAL B 84 -32.87 5.54 -3.23
N GLN B 85 -32.39 6.04 -4.35
CA GLN B 85 -32.07 5.23 -5.52
C GLN B 85 -30.56 5.05 -5.58
N ALA B 86 -30.12 4.11 -6.43
CA ALA B 86 -28.70 3.82 -6.50
C ALA B 86 -27.89 5.00 -7.03
N GLU B 87 -28.54 5.92 -7.76
CA GLU B 87 -27.89 7.09 -8.33
C GLU B 87 -27.62 8.19 -7.29
N ASP B 88 -28.04 8.00 -6.04
CA ASP B 88 -27.87 9.01 -5.00
C ASP B 88 -26.69 8.73 -4.08
N LEU B 89 -25.77 7.86 -4.51
CA LEU B 89 -24.54 7.60 -3.78
C LEU B 89 -23.61 8.78 -3.99
N ALA B 90 -23.39 9.56 -2.94
CA ALA B 90 -22.63 10.79 -3.11
C ALA B 90 -22.35 11.38 -1.75
N VAL B 91 -21.56 12.44 -1.74
CA VAL B 91 -21.32 13.18 -0.51
C VAL B 91 -22.11 14.47 -0.58
N TYR B 92 -22.79 14.79 0.51
CA TYR B 92 -23.65 15.96 0.54
C TYR B 92 -23.05 17.04 1.44
N TYR B 93 -23.02 18.27 0.93
CA TYR B 93 -22.32 19.38 1.56
C TYR B 93 -23.31 20.52 1.76
N CYS B 94 -23.36 21.05 2.97
CA CYS B 94 -24.07 22.30 3.17
C CYS B 94 -23.08 23.47 3.13
N GLN B 95 -23.58 24.61 2.68
CA GLN B 95 -22.77 25.80 2.63
C GLN B 95 -23.55 26.97 3.19
N ASN B 96 -22.92 27.61 4.18
CA ASN B 96 -23.27 28.95 4.61
C ASN B 96 -23.05 29.96 3.50
N ASP B 97 -24.11 30.70 3.18
CA ASP B 97 -24.07 31.77 2.19
C ASP B 97 -24.63 33.06 2.78
N TYR B 98 -24.65 33.19 4.11
CA TYR B 98 -25.16 34.42 4.70
C TYR B 98 -24.10 35.50 4.68
N SER B 99 -22.89 35.15 5.09
CA SER B 99 -21.82 36.13 5.19
C SER B 99 -20.47 35.49 4.93
N TYR B 100 -19.50 36.34 4.58
CA TYR B 100 -18.12 35.94 4.42
C TYR B 100 -17.55 35.50 5.77
N PRO B 101 -16.70 34.44 5.79
CA PRO B 101 -16.36 33.57 4.67
C PRO B 101 -17.41 32.48 4.46
N PHE B 102 -17.64 32.10 3.22
CA PHE B 102 -18.81 31.31 2.87
C PHE B 102 -18.48 29.83 3.03
N THR B 103 -18.40 29.44 4.29
CA THR B 103 -17.84 28.17 4.74
C THR B 103 -18.69 26.98 4.30
N PHE B 104 -18.03 25.87 4.01
CA PHE B 104 -18.68 24.58 3.76
C PHE B 104 -18.75 23.76 5.05
N GLY B 105 -19.67 22.78 5.06
CA GLY B 105 -19.66 21.73 6.07
C GLY B 105 -18.65 20.61 5.75
N SER B 106 -18.50 19.70 6.71
CA SER B 106 -17.55 18.61 6.52
C SER B 106 -18.03 17.58 5.48
N GLY B 107 -19.33 17.54 5.19
CA GLY B 107 -19.87 16.54 4.28
C GLY B 107 -20.49 15.35 4.99
N THR B 108 -21.61 14.82 4.46
CA THR B 108 -22.17 13.53 4.85
C THR B 108 -22.04 12.56 3.66
N LYS B 109 -21.36 11.44 3.86
CA LYS B 109 -21.23 10.40 2.85
C LYS B 109 -22.35 9.37 3.01
N LEU B 110 -23.16 9.20 1.97
CA LEU B 110 -24.32 8.31 2.01
C LEU B 110 -24.01 7.05 1.20
N GLU B 111 -24.10 5.89 1.85
CA GLU B 111 -23.78 4.61 1.25
C GLU B 111 -24.99 3.68 1.31
N ILE B 112 -25.02 2.69 0.42
CA ILE B 112 -26.19 1.82 0.25
C ILE B 112 -25.91 0.44 0.82
N LYS B 113 -26.92 -0.13 1.50
CA LYS B 113 -26.95 -1.52 1.91
C LYS B 113 -27.85 -2.29 0.94
N ARG B 114 -27.32 -3.36 0.35
CA ARG B 114 -28.14 -4.16 -0.56
C ARG B 114 -28.01 -5.62 -0.18
N THR B 115 -28.60 -6.49 -0.98
CA THR B 115 -28.49 -7.92 -0.76
C THR B 115 -27.20 -8.46 -1.35
N VAL B 116 -26.90 -9.72 -1.03
CA VAL B 116 -25.61 -10.29 -1.39
C VAL B 116 -25.58 -10.58 -2.88
N ALA B 117 -24.53 -10.14 -3.55
CA ALA B 117 -24.28 -10.47 -4.95
C ALA B 117 -22.94 -11.18 -5.04
N ALA B 118 -22.96 -12.39 -5.59
CA ALA B 118 -21.75 -13.13 -5.80
C ALA B 118 -20.95 -12.46 -6.92
N PRO B 119 -19.62 -12.47 -6.83
CA PRO B 119 -18.82 -11.84 -7.91
C PRO B 119 -18.73 -12.77 -9.10
N SER B 120 -18.76 -12.19 -10.30
CA SER B 120 -18.35 -12.97 -11.46
C SER B 120 -16.87 -12.72 -11.69
N VAL B 121 -16.14 -13.79 -12.00
CA VAL B 121 -14.69 -13.75 -11.95
C VAL B 121 -14.10 -14.01 -13.34
N PHE B 122 -13.16 -13.15 -13.75
CA PHE B 122 -12.49 -13.25 -15.05
C PHE B 122 -10.99 -13.14 -14.82
N ILE B 123 -10.22 -13.87 -15.62
CA ILE B 123 -8.76 -13.76 -15.58
C ILE B 123 -8.22 -13.40 -16.96
N PHE B 124 -7.21 -12.54 -17.00
CA PHE B 124 -6.57 -12.11 -18.23
C PHE B 124 -5.08 -12.40 -18.16
N PRO B 125 -4.54 -13.24 -19.04
CA PRO B 125 -3.08 -13.41 -19.16
C PRO B 125 -2.43 -12.16 -19.74
N PRO B 126 -1.10 -12.01 -19.58
CA PRO B 126 -0.42 -10.81 -20.11
C PRO B 126 -0.46 -10.70 -21.62
N SER B 127 -0.49 -9.45 -22.10
CA SER B 127 -0.48 -9.16 -23.53
C SER B 127 0.89 -9.44 -24.13
N ASP B 128 0.91 -9.74 -25.42
CA ASP B 128 2.18 -10.00 -26.09
C ASP B 128 3.03 -8.75 -26.21
N GLU B 129 2.39 -7.57 -26.31
CA GLU B 129 3.16 -6.34 -26.36
C GLU B 129 3.91 -6.12 -25.05
N GLN B 130 3.23 -6.39 -23.92
CA GLN B 130 3.89 -6.23 -22.64
C GLN B 130 4.98 -7.28 -22.43
N LEU B 131 4.76 -8.53 -22.87
CA LEU B 131 5.79 -9.54 -22.74
C LEU B 131 7.01 -9.20 -23.60
N LYS B 132 6.80 -8.47 -24.70
CA LYS B 132 7.93 -7.91 -25.41
C LYS B 132 8.59 -6.79 -24.61
N SER B 133 7.83 -6.16 -23.71
CA SER B 133 8.43 -5.09 -22.92
C SER B 133 9.31 -5.61 -21.77
N GLY B 134 9.21 -6.88 -21.39
CA GLY B 134 10.03 -7.43 -20.34
C GLY B 134 9.27 -7.79 -19.07
N THR B 135 8.14 -7.13 -18.81
CA THR B 135 7.24 -7.44 -17.70
C THR B 135 6.00 -8.24 -18.14
N ALA B 136 5.30 -8.77 -17.15
CA ALA B 136 4.07 -9.52 -17.37
C ALA B 136 3.10 -9.25 -16.23
N SER B 137 1.98 -8.60 -16.54
CA SER B 137 0.91 -8.36 -15.58
C SER B 137 -0.21 -9.34 -15.90
N VAL B 138 -0.62 -10.13 -14.92
CA VAL B 138 -1.79 -10.99 -15.08
C VAL B 138 -2.90 -10.41 -14.19
N VAL B 139 -4.08 -10.20 -14.76
CA VAL B 139 -5.14 -9.47 -14.06
C VAL B 139 -6.32 -10.39 -13.70
N CYS B 140 -6.83 -10.24 -12.47
CA CYS B 140 -7.99 -11.00 -12.01
C CYS B 140 -9.08 -10.00 -11.65
N LEU B 141 -10.26 -10.22 -12.22
CA LEU B 141 -11.38 -9.29 -12.19
C LEU B 141 -12.48 -9.96 -11.40
N LEU B 142 -12.87 -9.34 -10.29
CA LEU B 142 -14.07 -9.68 -9.55
C LEU B 142 -15.12 -8.60 -9.86
N ASN B 143 -16.20 -8.96 -10.53
CA ASN B 143 -17.17 -7.97 -10.97
C ASN B 143 -18.49 -8.08 -10.21
N ASN B 144 -18.98 -6.91 -9.77
CA ASN B 144 -20.37 -6.62 -9.35
C ASN B 144 -20.82 -7.45 -8.15
N PHE B 145 -20.10 -7.32 -7.06
CA PHE B 145 -20.37 -8.12 -5.87
C PHE B 145 -20.73 -7.20 -4.72
N TYR B 146 -21.37 -7.79 -3.72
CA TYR B 146 -21.71 -7.11 -2.49
C TYR B 146 -21.82 -8.20 -1.44
N PRO B 147 -21.29 -7.99 -0.24
CA PRO B 147 -20.58 -6.81 0.27
C PRO B 147 -19.15 -6.66 -0.24
N ARG B 148 -18.48 -5.65 0.30
CA ARG B 148 -17.16 -5.25 -0.15
C ARG B 148 -16.06 -6.28 0.20
N GLU B 149 -16.19 -7.00 1.32
CA GLU B 149 -15.14 -7.92 1.78
C GLU B 149 -14.98 -9.10 0.84
N ALA B 150 -13.75 -9.33 0.39
CA ALA B 150 -13.48 -10.38 -0.58
C ALA B 150 -12.02 -10.81 -0.49
N LYS B 151 -11.78 -12.11 -0.50
CA LYS B 151 -10.43 -12.65 -0.40
C LYS B 151 -10.01 -13.14 -1.79
N VAL B 152 -8.83 -12.74 -2.22
CA VAL B 152 -8.29 -13.13 -3.51
C VAL B 152 -6.87 -13.64 -3.29
N GLN B 153 -6.58 -14.83 -3.80
CA GLN B 153 -5.29 -15.45 -3.63
C GLN B 153 -4.77 -15.92 -4.97
N TRP B 154 -3.51 -15.60 -5.23
CA TRP B 154 -2.82 -16.04 -6.44
C TRP B 154 -2.11 -17.37 -6.22
N LYS B 155 -2.28 -18.30 -7.15
CA LYS B 155 -1.56 -19.56 -7.07
C LYS B 155 -0.86 -19.80 -8.39
N VAL B 156 0.46 -19.93 -8.36
CA VAL B 156 1.25 -20.21 -9.56
C VAL B 156 1.85 -21.60 -9.43
N ASP B 157 1.40 -22.51 -10.30
CA ASP B 157 1.64 -23.94 -10.18
C ASP B 157 1.25 -24.43 -8.80
N ASN B 158 0.05 -24.02 -8.38
CA ASN B 158 -0.53 -24.37 -7.07
C ASN B 158 0.36 -23.98 -5.89
N ALA B 159 1.14 -22.91 -6.05
CA ALA B 159 1.96 -22.38 -4.98
C ALA B 159 1.44 -21.00 -4.64
N LEU B 160 0.87 -20.87 -3.45
CA LEU B 160 0.29 -19.61 -3.01
C LEU B 160 1.34 -18.50 -3.03
N GLN B 161 1.01 -17.38 -3.68
CA GLN B 161 1.94 -16.28 -3.79
C GLN B 161 1.71 -15.27 -2.67
N SER B 162 2.79 -14.62 -2.22
CA SER B 162 2.65 -13.67 -1.13
C SER B 162 3.11 -12.26 -1.45
N GLY B 163 3.99 -12.07 -2.42
CA GLY B 163 4.25 -10.75 -2.97
C GLY B 163 3.57 -10.55 -4.31
N ASN B 164 4.00 -9.49 -4.99
CA ASN B 164 3.72 -9.24 -6.39
C ASN B 164 2.25 -8.99 -6.76
N SER B 165 1.31 -8.86 -5.81
CA SER B 165 -0.06 -8.57 -6.22
C SER B 165 -0.48 -7.24 -5.61
N GLN B 166 -1.20 -6.44 -6.38
CA GLN B 166 -1.85 -5.23 -5.90
C GLN B 166 -3.34 -5.29 -6.17
N GLU B 167 -4.14 -4.80 -5.24
CA GLU B 167 -5.59 -4.81 -5.34
C GLU B 167 -6.14 -3.39 -5.46
N SER B 168 -7.28 -3.27 -6.14
CA SER B 168 -8.01 -2.02 -6.22
C SER B 168 -9.51 -2.29 -6.24
N VAL B 169 -10.24 -1.57 -5.41
CA VAL B 169 -11.67 -1.67 -5.30
C VAL B 169 -12.29 -0.41 -5.87
N THR B 170 -13.45 -0.57 -6.55
CA THR B 170 -14.19 0.58 -7.04
C THR B 170 -14.98 1.23 -5.93
N GLU B 171 -15.53 2.38 -6.24
CA GLU B 171 -16.61 2.90 -5.43
C GLU B 171 -17.88 2.07 -5.66
N GLN B 172 -18.83 2.24 -4.75
CA GLN B 172 -20.14 1.61 -4.89
C GLN B 172 -20.80 2.14 -6.17
N ASP B 173 -21.43 1.23 -6.94
CA ASP B 173 -21.93 1.55 -8.28
C ASP B 173 -23.20 2.41 -8.27
N SER B 174 -23.29 3.28 -9.26
CA SER B 174 -24.40 4.22 -9.36
C SER B 174 -25.71 3.57 -9.82
N LYS B 175 -25.66 2.34 -10.29
CA LYS B 175 -26.84 1.69 -10.81
C LYS B 175 -27.28 0.49 -9.99
N ASP B 176 -26.35 -0.28 -9.42
CA ASP B 176 -26.75 -1.46 -8.64
C ASP B 176 -26.06 -1.56 -7.29
N SER B 177 -25.30 -0.52 -6.87
CA SER B 177 -24.67 -0.44 -5.55
C SER B 177 -23.66 -1.57 -5.26
N THR B 178 -23.10 -2.21 -6.29
CA THR B 178 -22.11 -3.24 -6.03
C THR B 178 -20.71 -2.65 -6.08
N TYR B 179 -19.72 -3.51 -5.86
CA TYR B 179 -18.31 -3.17 -5.92
C TYR B 179 -17.66 -4.02 -7.00
N SER B 180 -16.53 -3.56 -7.48
CA SER B 180 -15.73 -4.35 -8.39
C SER B 180 -14.30 -4.28 -7.91
N LEU B 181 -13.59 -5.39 -8.03
CA LEU B 181 -12.21 -5.49 -7.59
C LEU B 181 -11.35 -5.94 -8.75
N SER B 182 -10.14 -5.39 -8.83
CA SER B 182 -9.10 -5.96 -9.68
C SER B 182 -7.92 -6.34 -8.80
N SER B 183 -7.32 -7.51 -9.05
CA SER B 183 -6.04 -7.85 -8.47
C SER B 183 -5.07 -8.16 -9.60
N THR B 184 -3.92 -7.51 -9.57
CA THR B 184 -2.94 -7.58 -10.65
C THR B 184 -1.66 -8.18 -10.06
N LEU B 185 -1.22 -9.28 -10.67
CA LEU B 185 0.03 -9.95 -10.31
C LEU B 185 1.09 -9.56 -11.32
N THR B 186 2.23 -9.08 -10.84
CA THR B 186 3.25 -8.50 -11.72
C THR B 186 4.54 -9.29 -11.53
N LEU B 187 5.00 -9.93 -12.60
CA LEU B 187 6.25 -10.68 -12.64
C LEU B 187 7.10 -10.15 -13.78
N SER B 188 8.40 -10.43 -13.73
CA SER B 188 9.20 -10.25 -14.92
C SER B 188 8.82 -11.27 -15.98
N LYS B 189 9.18 -10.98 -17.23
CA LYS B 189 9.02 -11.97 -18.30
C LYS B 189 9.80 -13.24 -17.96
N ALA B 190 10.98 -13.09 -17.34
CA ALA B 190 11.81 -14.25 -17.01
C ALA B 190 11.14 -15.15 -15.99
N ASP B 191 10.65 -14.57 -14.89
CA ASP B 191 9.98 -15.38 -13.88
C ASP B 191 8.67 -15.94 -14.40
N TYR B 192 8.06 -15.22 -15.34
CA TYR B 192 6.82 -15.67 -15.97
C TYR B 192 7.09 -16.87 -16.88
N GLU B 193 8.27 -16.91 -17.51
CA GLU B 193 8.60 -18.00 -18.42
C GLU B 193 8.88 -19.29 -17.67
N LYS B 194 9.15 -19.20 -16.38
CA LYS B 194 9.52 -20.33 -15.56
C LYS B 194 8.36 -21.06 -14.94
N HIS B 195 7.12 -20.71 -15.26
CA HIS B 195 5.96 -21.35 -14.64
C HIS B 195 4.87 -21.57 -15.68
N LYS B 196 3.93 -22.45 -15.36
CA LYS B 196 2.93 -22.88 -16.35
C LYS B 196 1.51 -22.47 -15.98
N VAL B 197 1.01 -22.88 -14.81
CA VAL B 197 -0.39 -22.68 -14.47
C VAL B 197 -0.52 -21.42 -13.62
N TYR B 198 -1.33 -20.47 -14.08
CA TYR B 198 -1.56 -19.25 -13.32
C TYR B 198 -3.05 -19.20 -12.95
N ALA B 199 -3.33 -19.10 -11.64
CA ALA B 199 -4.71 -19.18 -11.15
C ALA B 199 -5.02 -18.10 -10.12
N CYS B 200 -6.30 -17.77 -10.06
CA CYS B 200 -6.89 -16.75 -9.20
C CYS B 200 -8.03 -17.39 -8.40
N GLU B 201 -7.85 -17.53 -7.08
CA GLU B 201 -8.87 -18.09 -6.19
C GLU B 201 -9.59 -16.95 -5.46
N VAL B 202 -10.94 -17.02 -5.44
CA VAL B 202 -11.81 -15.94 -4.97
C VAL B 202 -12.75 -16.49 -3.91
N THR B 203 -12.78 -15.83 -2.75
CA THR B 203 -13.66 -16.20 -1.66
C THR B 203 -14.55 -15.01 -1.34
N HIS B 204 -15.86 -15.24 -1.26
CA HIS B 204 -16.84 -14.20 -0.99
C HIS B 204 -18.12 -14.85 -0.49
N GLN B 205 -18.91 -14.10 0.29
CA GLN B 205 -20.10 -14.67 0.93
C GLN B 205 -21.16 -15.15 -0.06
N GLY B 206 -21.13 -14.67 -1.31
CA GLY B 206 -22.13 -15.12 -2.24
C GLY B 206 -21.80 -16.44 -2.90
N LEU B 207 -20.58 -16.91 -2.72
CA LEU B 207 -20.13 -18.16 -3.31
C LEU B 207 -20.20 -19.26 -2.27
N SER B 208 -20.85 -20.39 -2.61
CA SER B 208 -20.90 -21.53 -1.68
C SER B 208 -19.51 -22.07 -1.40
N SER B 209 -18.69 -22.20 -2.44
CA SER B 209 -17.30 -22.59 -2.31
C SER B 209 -16.44 -21.58 -3.08
N PRO B 210 -15.19 -21.37 -2.69
CA PRO B 210 -14.35 -20.41 -3.41
C PRO B 210 -14.15 -20.85 -4.85
N VAL B 211 -14.14 -19.86 -5.75
CA VAL B 211 -14.11 -20.10 -7.20
C VAL B 211 -12.71 -19.78 -7.72
N THR B 212 -12.20 -20.64 -8.59
CA THR B 212 -10.88 -20.49 -9.18
C THR B 212 -10.99 -20.30 -10.69
N LYS B 213 -10.34 -19.26 -11.20
CA LYS B 213 -10.17 -19.05 -12.64
C LYS B 213 -8.70 -19.19 -13.00
N SER B 214 -8.40 -20.00 -14.02
CA SER B 214 -7.01 -20.30 -14.33
C SER B 214 -6.78 -20.44 -15.82
N PHE B 215 -5.53 -20.17 -16.22
CA PHE B 215 -5.05 -20.47 -17.55
C PHE B 215 -3.67 -21.13 -17.46
N ASN B 216 -3.30 -21.83 -18.52
CA ASN B 216 -1.92 -22.30 -18.69
C ASN B 216 -1.22 -21.38 -19.68
N ARG B 217 0.03 -21.05 -19.38
CA ARG B 217 0.80 -20.13 -20.19
C ARG B 217 1.02 -20.70 -21.59
N GLY B 218 0.65 -19.91 -22.60
CA GLY B 218 0.73 -20.34 -23.98
C GLY B 218 -0.57 -20.76 -24.63
N GLU B 219 -1.72 -20.53 -23.99
CA GLU B 219 -2.99 -20.75 -24.68
C GLU B 219 -3.86 -19.49 -24.62
N GLN C 3 3.99 -26.60 -3.95
CA GLN C 3 3.34 -27.78 -3.43
C GLN C 3 4.07 -28.35 -2.20
N ILE C 4 5.40 -28.26 -2.17
CA ILE C 4 6.20 -28.75 -1.04
C ILE C 4 6.31 -27.66 0.02
N GLN C 5 5.77 -27.92 1.21
CA GLN C 5 5.84 -26.90 2.24
C GLN C 5 6.17 -27.51 3.61
N LEU C 6 7.06 -26.81 4.31
CA LEU C 6 7.39 -27.06 5.70
C LEU C 6 6.82 -25.91 6.53
N VAL C 7 5.90 -26.19 7.46
CA VAL C 7 5.27 -25.18 8.29
C VAL C 7 5.56 -25.46 9.76
N GLN C 8 6.10 -24.48 10.48
CA GLN C 8 6.52 -24.66 11.86
C GLN C 8 5.56 -24.02 12.85
N SER C 9 5.65 -24.47 14.11
CA SER C 9 4.84 -23.89 15.17
C SER C 9 5.29 -22.45 15.47
N GLY C 10 4.48 -21.76 16.28
CA GLY C 10 4.67 -20.34 16.54
C GLY C 10 5.78 -20.07 17.54
N PRO C 11 6.12 -18.78 17.68
CA PRO C 11 7.22 -18.39 18.57
C PRO C 11 6.85 -18.54 20.04
N GLU C 12 7.85 -18.85 20.86
CA GLU C 12 7.64 -19.25 22.25
C GLU C 12 8.51 -18.43 23.19
N LEU C 13 7.95 -18.11 24.36
CA LEU C 13 8.70 -17.51 25.45
C LEU C 13 8.78 -18.52 26.58
N LYS C 14 9.99 -18.91 26.95
CA LYS C 14 10.16 -19.90 28.01
C LYS C 14 11.18 -19.39 29.02
N LYS C 15 10.97 -19.74 30.30
CA LYS C 15 11.84 -19.31 31.40
C LYS C 15 13.09 -20.20 31.44
N PRO C 16 14.18 -19.75 32.07
CA PRO C 16 15.38 -20.60 32.12
C PRO C 16 15.13 -21.87 32.92
N GLY C 17 15.64 -22.99 32.41
CA GLY C 17 15.44 -24.29 33.00
C GLY C 17 14.28 -25.08 32.44
N GLU C 18 13.29 -24.44 31.83
CA GLU C 18 12.13 -25.14 31.28
C GLU C 18 12.49 -25.85 29.98
N THR C 19 11.46 -26.34 29.30
CA THR C 19 11.58 -27.22 28.15
C THR C 19 10.69 -26.71 27.02
N VAL C 20 11.18 -26.76 25.79
CA VAL C 20 10.34 -26.35 24.66
C VAL C 20 10.35 -27.41 23.58
N LYS C 21 9.19 -27.67 22.99
CA LYS C 21 9.08 -28.55 21.83
C LYS C 21 8.47 -27.76 20.67
N ILE C 22 9.12 -27.84 19.51
CA ILE C 22 8.77 -27.15 18.28
C ILE C 22 8.37 -28.20 17.22
N SER C 23 7.22 -28.00 16.59
CA SER C 23 6.78 -28.87 15.51
C SER C 23 7.10 -28.28 14.14
N CYS C 24 7.23 -29.18 13.16
CA CYS C 24 7.56 -28.88 11.76
C CYS C 24 6.75 -29.84 10.91
N LYS C 25 5.60 -29.40 10.41
CA LYS C 25 4.73 -30.24 9.60
C LYS C 25 5.13 -30.16 8.15
N ALA C 26 5.17 -31.30 7.47
CA ALA C 26 5.63 -31.39 6.09
C ALA C 26 4.50 -31.88 5.19
N SER C 27 4.45 -31.33 3.98
CA SER C 27 3.45 -31.74 3.01
C SER C 27 3.99 -31.53 1.62
N GLY C 28 3.53 -32.33 0.67
CA GLY C 28 3.83 -32.15 -0.74
C GLY C 28 4.76 -33.18 -1.32
N TYR C 29 5.38 -34.01 -0.49
CA TYR C 29 6.23 -35.09 -0.95
C TYR C 29 5.99 -36.30 -0.05
N THR C 30 6.47 -37.45 -0.49
CA THR C 30 6.42 -38.63 0.36
C THR C 30 7.45 -38.48 1.48
N PHE C 31 6.93 -38.44 2.72
CA PHE C 31 7.67 -37.92 3.88
C PHE C 31 8.86 -38.79 4.28
N THR C 32 8.73 -40.11 4.17
CA THR C 32 9.72 -41.02 4.74
C THR C 32 10.91 -41.30 3.82
N ASN C 33 11.11 -40.50 2.77
CA ASN C 33 12.23 -40.66 1.86
C ASN C 33 13.26 -39.53 1.99
N TYR C 34 13.08 -38.63 2.94
CA TYR C 34 13.91 -37.43 3.05
C TYR C 34 14.17 -37.15 4.52
N GLY C 35 15.43 -37.13 4.93
CA GLY C 35 15.73 -36.83 6.31
C GLY C 35 15.51 -35.36 6.62
N MET C 36 15.37 -35.06 7.91
CA MET C 36 14.99 -33.73 8.38
C MET C 36 16.12 -33.11 9.21
N ASN C 37 16.61 -31.96 8.77
CA ASN C 37 17.64 -31.20 9.45
C ASN C 37 17.04 -30.10 10.31
N TRP C 38 17.75 -29.79 11.39
CA TRP C 38 17.46 -28.63 12.20
C TRP C 38 18.69 -27.74 12.23
N VAL C 39 18.44 -26.43 12.13
CA VAL C 39 19.48 -25.42 12.03
C VAL C 39 19.14 -24.30 12.99
N LYS C 40 20.12 -23.85 13.75
CA LYS C 40 19.96 -22.73 14.68
C LYS C 40 20.50 -21.47 14.02
N GLN C 41 19.77 -20.36 14.19
CA GLN C 41 20.24 -19.02 13.85
C GLN C 41 20.01 -18.12 15.08
N ALA C 42 21.10 -17.82 15.80
CA ALA C 42 21.04 -16.93 16.95
C ALA C 42 20.78 -15.51 16.44
N PRO C 43 20.12 -14.65 17.24
CA PRO C 43 19.66 -13.35 16.70
C PRO C 43 20.80 -12.50 16.13
N GLY C 44 20.70 -12.17 14.84
CA GLY C 44 21.72 -11.41 14.16
C GLY C 44 22.98 -12.15 13.82
N LYS C 45 22.96 -13.48 13.87
CA LYS C 45 24.15 -14.30 13.67
C LYS C 45 23.89 -15.27 12.53
N GLY C 46 24.82 -16.17 12.32
CA GLY C 46 24.78 -17.07 11.18
C GLY C 46 23.91 -18.30 11.40
N LEU C 47 24.09 -19.25 10.50
CA LEU C 47 23.39 -20.52 10.52
C LEU C 47 24.32 -21.58 11.09
N LYS C 48 23.83 -22.37 12.03
CA LYS C 48 24.61 -23.44 12.64
C LYS C 48 23.85 -24.75 12.52
N TRP C 49 24.52 -25.80 12.04
CA TRP C 49 23.84 -27.07 11.79
C TRP C 49 23.72 -27.88 13.07
N MET C 50 22.48 -28.23 13.46
CA MET C 50 22.26 -28.91 14.73
C MET C 50 22.29 -30.42 14.58
N GLY C 51 21.74 -30.94 13.48
CA GLY C 51 21.68 -32.36 13.27
C GLY C 51 20.56 -32.69 12.30
N TRP C 52 20.37 -33.99 12.11
CA TRP C 52 19.28 -34.47 11.27
C TRP C 52 18.73 -35.78 11.82
N ILE C 53 17.50 -36.07 11.46
CA ILE C 53 16.83 -37.30 11.84
C ILE C 53 16.40 -38.02 10.57
N ASN C 54 16.61 -39.34 10.57
CA ASN C 54 16.26 -40.22 9.48
C ASN C 54 14.75 -40.48 9.50
N SER C 55 14.07 -40.15 8.40
CA SER C 55 12.63 -40.34 8.34
C SER C 55 12.26 -41.83 8.26
N ASN C 56 13.11 -42.62 7.62
CA ASN C 56 12.84 -44.04 7.50
C ASN C 56 12.99 -44.73 8.84
N THR C 57 14.17 -44.58 9.47
CA THR C 57 14.47 -45.33 10.69
C THR C 57 14.06 -44.61 11.96
N GLY C 58 14.20 -43.28 12.00
CA GLY C 58 14.01 -42.54 13.22
C GLY C 58 15.29 -42.21 13.95
N GLU C 59 16.43 -42.67 13.44
CA GLU C 59 17.68 -42.46 14.13
C GLU C 59 18.11 -41.01 13.98
N PRO C 60 18.32 -40.29 15.08
CA PRO C 60 18.83 -38.94 14.99
C PRO C 60 20.35 -38.94 14.96
N THR C 61 20.88 -37.81 14.52
CA THR C 61 22.32 -37.58 14.42
C THR C 61 22.54 -36.13 14.83
N TYR C 62 23.23 -35.90 15.94
CA TYR C 62 23.44 -34.55 16.44
C TYR C 62 24.89 -34.10 16.25
N ALA C 63 25.06 -32.82 15.92
CA ALA C 63 26.35 -32.17 16.05
C ALA C 63 26.74 -32.14 17.52
N GLU C 64 28.05 -32.06 17.76
CA GLU C 64 28.57 -32.35 19.09
C GLU C 64 27.98 -31.41 20.13
N GLU C 65 27.81 -30.13 19.79
CA GLU C 65 27.32 -29.15 20.75
C GLU C 65 25.84 -29.33 21.08
N PHE C 66 25.14 -30.19 20.34
CA PHE C 66 23.71 -30.39 20.53
C PHE C 66 23.36 -31.80 20.99
N LYS C 67 24.35 -32.64 21.25
CA LYS C 67 24.10 -33.94 21.83
C LYS C 67 23.87 -33.70 23.30
N GLY C 68 22.81 -34.25 23.86
CA GLY C 68 22.71 -34.13 25.30
C GLY C 68 21.55 -33.33 25.83
N ARG C 69 21.26 -32.19 25.21
CA ARG C 69 20.15 -31.32 25.60
C ARG C 69 19.06 -31.17 24.53
N PHE C 70 19.25 -31.74 23.33
CA PHE C 70 18.34 -31.52 22.20
C PHE C 70 17.89 -32.88 21.71
N ALA C 71 16.61 -32.99 21.37
CA ALA C 71 16.02 -34.25 20.95
C ALA C 71 15.23 -34.04 19.66
N PHE C 72 15.48 -34.90 18.68
CA PHE C 72 14.70 -34.93 17.47
C PHE C 72 13.73 -36.10 17.56
N SER C 73 12.47 -35.88 17.22
CA SER C 73 11.57 -37.01 17.12
C SER C 73 10.71 -36.85 15.87
N LEU C 74 10.01 -37.92 15.51
CA LEU C 74 9.10 -37.90 14.36
C LEU C 74 7.74 -38.42 14.77
N GLU C 75 6.73 -38.01 14.02
CA GLU C 75 5.44 -38.67 13.96
C GLU C 75 5.10 -38.82 12.49
N THR C 76 5.29 -40.03 11.95
CA THR C 76 5.00 -40.27 10.54
C THR C 76 3.49 -40.24 10.28
N SER C 77 2.70 -40.70 11.25
CA SER C 77 1.25 -40.68 11.16
C SER C 77 0.69 -39.26 11.00
N ALA C 78 1.46 -38.23 11.38
CA ALA C 78 1.10 -36.82 11.17
C ALA C 78 2.10 -36.09 10.29
N SER C 79 3.07 -36.80 9.71
CA SER C 79 4.09 -36.25 8.82
C SER C 79 4.84 -35.07 9.44
N THR C 80 5.11 -35.15 10.74
CA THR C 80 5.60 -34.01 11.52
C THR C 80 6.93 -34.36 12.18
N ALA C 81 7.93 -33.50 12.00
CA ALA C 81 9.18 -33.63 12.75
C ALA C 81 9.16 -32.72 13.98
N TYR C 82 9.86 -33.14 15.03
CA TYR C 82 9.86 -32.40 16.29
C TYR C 82 11.27 -32.16 16.76
N LEU C 83 11.45 -31.00 17.39
CA LEU C 83 12.65 -30.61 18.12
C LEU C 83 12.30 -30.26 19.56
N GLN C 84 12.97 -30.89 20.51
CA GLN C 84 12.78 -30.61 21.93
C GLN C 84 14.10 -30.13 22.50
N ILE C 85 14.05 -29.02 23.25
CA ILE C 85 15.20 -28.45 23.96
C ILE C 85 14.94 -28.48 25.45
N ASN C 86 15.89 -29.04 26.20
CA ASN C 86 15.79 -29.13 27.65
C ASN C 86 16.73 -28.15 28.31
N ASN C 87 16.38 -27.78 29.54
CA ASN C 87 17.20 -26.94 30.40
C ASN C 87 17.60 -25.66 29.67
N LEU C 88 16.60 -24.89 29.25
CA LEU C 88 16.84 -23.74 28.39
C LEU C 88 17.74 -22.74 29.11
N LYS C 89 18.79 -22.33 28.41
CA LYS C 89 19.74 -21.33 28.85
C LYS C 89 19.51 -20.05 28.07
N ASN C 90 20.20 -18.99 28.47
CA ASN C 90 20.07 -17.70 27.79
C ASN C 90 20.54 -17.79 26.34
N GLU C 91 21.59 -18.55 26.08
CA GLU C 91 22.17 -18.63 24.75
C GLU C 91 21.35 -19.49 23.78
N ASP C 92 20.21 -20.02 24.23
CA ASP C 92 19.30 -20.76 23.36
C ASP C 92 18.24 -19.85 22.75
N THR C 93 18.24 -18.56 23.13
CA THR C 93 17.41 -17.59 22.44
C THR C 93 17.84 -17.51 20.99
N ALA C 94 16.96 -17.91 20.04
CA ALA C 94 17.33 -18.02 18.62
C ALA C 94 16.08 -18.30 17.80
N THR C 95 16.27 -18.41 16.48
CA THR C 95 15.29 -18.96 15.57
C THR C 95 15.77 -20.35 15.13
N TYR C 96 14.88 -21.33 15.19
CA TYR C 96 15.20 -22.70 14.82
C TYR C 96 14.47 -23.04 13.52
N PHE C 97 15.24 -23.45 12.52
CA PHE C 97 14.74 -23.85 11.23
C PHE C 97 14.75 -25.35 11.08
N CYS C 98 13.72 -25.89 10.45
CA CYS C 98 13.78 -27.24 9.90
C CYS C 98 13.91 -27.15 8.38
N ALA C 99 14.73 -28.01 7.81
CA ALA C 99 14.94 -28.06 6.36
C ALA C 99 15.20 -29.50 5.96
N ARG C 100 14.80 -29.87 4.75
CA ARG C 100 14.87 -31.26 4.35
C ARG C 100 16.09 -31.50 3.46
N TRP C 101 16.67 -32.69 3.59
CA TRP C 101 17.69 -33.13 2.65
C TRP C 101 17.13 -33.19 1.23
N ALA C 102 17.86 -32.64 0.27
CA ALA C 102 17.53 -32.83 -1.12
C ALA C 102 17.82 -34.28 -1.53
N ASN C 103 17.28 -34.68 -2.69
CA ASN C 103 17.45 -36.05 -3.11
C ASN C 103 18.89 -36.36 -3.55
N CYS C 104 19.66 -35.34 -3.93
CA CYS C 104 21.10 -35.50 -4.14
C CYS C 104 21.81 -36.05 -2.90
N GLY C 105 21.37 -35.65 -1.71
CA GLY C 105 22.11 -35.89 -0.49
C GLY C 105 23.21 -34.89 -0.24
N CYS C 106 23.15 -33.73 -0.91
CA CYS C 106 24.23 -32.77 -0.97
C CYS C 106 23.84 -31.39 -0.48
N ALA C 107 22.57 -31.18 -0.17
CA ALA C 107 22.09 -29.83 0.10
C ALA C 107 20.75 -29.95 0.81
N MET C 108 20.38 -28.86 1.45
CA MET C 108 19.12 -28.79 2.16
C MET C 108 18.13 -27.99 1.32
N ASP C 109 17.04 -28.64 0.96
CA ASP C 109 16.25 -28.37 -0.23
C ASP C 109 15.19 -27.29 0.01
N TYR C 110 14.24 -27.57 0.89
CA TYR C 110 13.15 -26.69 1.25
C TYR C 110 13.19 -26.45 2.75
N TRP C 111 12.92 -25.22 3.18
CA TRP C 111 13.05 -24.86 4.59
C TRP C 111 11.71 -24.45 5.17
N GLY C 112 11.56 -24.67 6.47
CA GLY C 112 10.45 -24.09 7.20
C GLY C 112 10.73 -22.64 7.46
N GLN C 113 9.75 -21.95 8.01
CA GLN C 113 9.84 -20.49 8.15
C GLN C 113 10.52 -20.05 9.44
N GLY C 114 10.87 -21.01 10.28
CA GLY C 114 11.58 -20.74 11.51
C GLY C 114 10.64 -20.57 12.68
N THR C 115 11.13 -20.96 13.86
CA THR C 115 10.45 -20.77 15.14
C THR C 115 11.40 -20.03 16.08
N THR C 116 10.98 -18.87 16.56
CA THR C 116 11.80 -18.09 17.46
C THR C 116 11.48 -18.43 18.92
N VAL C 117 12.50 -18.93 19.64
CA VAL C 117 12.43 -19.18 21.08
C VAL C 117 13.21 -18.09 21.81
N THR C 118 12.57 -17.49 22.81
CA THR C 118 13.22 -16.51 23.69
C THR C 118 13.25 -17.03 25.11
N VAL C 119 14.45 -17.05 25.70
CA VAL C 119 14.64 -17.49 27.08
C VAL C 119 14.85 -16.27 27.97
N SER C 120 13.92 -16.06 28.90
CA SER C 120 13.90 -14.89 29.76
C SER C 120 13.01 -15.17 30.96
N SER C 121 13.42 -14.62 32.11
CA SER C 121 12.62 -14.69 33.33
C SER C 121 11.33 -13.89 33.26
N ALA C 122 11.21 -12.95 32.32
CA ALA C 122 10.10 -12.01 32.30
C ALA C 122 8.87 -12.67 31.66
N SER C 123 7.71 -12.07 31.88
CA SER C 123 6.44 -12.62 31.42
C SER C 123 5.95 -11.89 30.17
N THR C 124 4.98 -12.51 29.49
CA THR C 124 4.50 -12.01 28.22
C THR C 124 3.56 -10.84 28.41
N LYS C 125 3.74 -9.81 27.58
CA LYS C 125 2.78 -8.72 27.44
C LYS C 125 2.35 -8.60 26.00
N GLY C 126 1.05 -8.43 25.78
CA GLY C 126 0.52 -8.21 24.45
C GLY C 126 0.53 -6.75 24.05
N PRO C 127 0.63 -6.47 22.77
CA PRO C 127 0.72 -5.08 22.32
C PRO C 127 -0.61 -4.37 22.38
N SER C 128 -0.53 -3.04 22.51
CA SER C 128 -1.61 -2.15 22.10
C SER C 128 -1.33 -1.69 20.68
N VAL C 129 -2.39 -1.48 19.91
CA VAL C 129 -2.29 -1.11 18.50
C VAL C 129 -2.99 0.22 18.31
N PHE C 130 -2.31 1.15 17.66
CA PHE C 130 -2.85 2.48 17.46
C PHE C 130 -2.70 2.88 16.01
N PRO C 131 -3.68 3.56 15.44
CA PRO C 131 -3.58 3.92 14.02
C PRO C 131 -2.68 5.12 13.84
N LEU C 132 -1.94 5.13 12.75
CA LEU C 132 -1.24 6.31 12.26
C LEU C 132 -2.03 6.79 11.06
N ALA C 133 -3.04 7.62 11.32
CA ALA C 133 -3.99 8.00 10.29
C ALA C 133 -3.37 9.03 9.33
N PRO C 134 -3.67 8.92 8.03
CA PRO C 134 -3.21 9.94 7.07
C PRO C 134 -4.00 11.23 7.27
N SER C 135 -3.32 12.37 7.16
CA SER C 135 -3.97 13.58 7.65
C SER C 135 -3.81 14.84 6.81
N SER C 136 -2.94 14.87 5.79
CA SER C 136 -2.39 16.01 5.04
C SER C 136 -1.17 16.58 5.74
N LYS C 137 -0.88 16.17 6.96
CA LYS C 137 0.44 16.34 7.51
C LYS C 137 1.32 15.15 7.17
N SER C 138 0.73 14.10 6.59
CA SER C 138 1.39 12.89 6.14
C SER C 138 1.23 12.68 4.64
N THR C 139 1.23 13.75 3.86
CA THR C 139 1.13 13.66 2.41
C THR C 139 2.40 14.18 1.76
N SER C 140 2.82 13.53 0.67
CA SER C 140 3.92 14.00 -0.17
C SER C 140 3.65 13.63 -1.62
N GLY C 141 3.87 14.59 -2.53
CA GLY C 141 3.73 14.38 -3.96
C GLY C 141 2.42 13.77 -4.44
N GLY C 142 1.34 14.02 -3.73
CA GLY C 142 0.09 13.41 -4.09
C GLY C 142 -0.07 12.01 -3.57
N THR C 143 0.87 11.52 -2.78
CA THR C 143 0.78 10.20 -2.19
C THR C 143 0.61 10.40 -0.69
N ALA C 144 -0.11 9.50 -0.04
CA ALA C 144 -0.34 9.57 1.39
C ALA C 144 0.39 8.45 2.12
N ALA C 145 0.77 8.71 3.37
CA ALA C 145 1.36 7.69 4.22
C ALA C 145 0.39 7.40 5.35
N LEU C 146 0.31 6.13 5.74
CA LEU C 146 -0.54 5.70 6.85
C LEU C 146 0.10 4.47 7.50
N GLY C 147 -0.40 4.09 8.66
CA GLY C 147 0.24 2.98 9.32
C GLY C 147 -0.38 2.61 10.65
N CYS C 148 0.37 1.78 11.37
CA CYS C 148 0.01 1.26 12.69
C CYS C 148 1.21 1.35 13.62
N LEU C 149 0.98 1.90 14.82
CA LEU C 149 1.91 1.83 15.92
C LEU C 149 1.58 0.59 16.77
N VAL C 150 2.54 -0.31 16.92
CA VAL C 150 2.39 -1.49 17.77
C VAL C 150 3.27 -1.28 19.01
N LYS C 151 2.64 -0.96 20.13
CA LYS C 151 3.34 -0.52 21.32
C LYS C 151 3.24 -1.53 22.46
N ASP C 152 4.33 -1.63 23.24
CA ASP C 152 4.41 -2.25 24.56
C ASP C 152 4.14 -3.77 24.54
N TYR C 153 5.05 -4.50 23.92
CA TYR C 153 4.95 -5.96 23.88
C TYR C 153 6.27 -6.62 24.23
N PHE C 154 6.16 -7.87 24.69
CA PHE C 154 7.30 -8.72 25.01
C PHE C 154 6.89 -10.18 24.94
N PRO C 155 7.67 -11.05 24.32
CA PRO C 155 8.92 -10.78 23.61
C PRO C 155 8.70 -10.50 22.14
N GLU C 156 9.77 -10.31 21.39
CA GLU C 156 9.71 -10.34 19.95
C GLU C 156 9.46 -11.78 19.49
N PRO C 157 8.80 -11.99 18.34
CA PRO C 157 8.27 -11.10 17.28
C PRO C 157 6.80 -10.80 17.32
N VAL C 158 6.40 -9.67 16.74
CA VAL C 158 5.03 -9.48 16.29
C VAL C 158 5.03 -9.68 14.78
N THR C 159 3.94 -10.25 14.29
CA THR C 159 3.66 -10.37 12.86
C THR C 159 2.76 -9.20 12.50
N VAL C 160 3.15 -8.42 11.49
CA VAL C 160 2.25 -7.42 10.92
C VAL C 160 2.01 -7.73 9.45
N SER C 161 0.75 -7.80 9.07
CA SER C 161 0.37 -7.85 7.66
C SER C 161 -0.64 -6.74 7.38
N TRP C 162 -0.88 -6.47 6.10
CA TRP C 162 -1.92 -5.54 5.70
C TRP C 162 -2.93 -6.26 4.84
N ASN C 163 -4.22 -6.10 5.19
CA ASN C 163 -5.34 -6.62 4.41
C ASN C 163 -5.18 -8.12 4.20
N SER C 164 -4.78 -8.81 5.28
CA SER C 164 -4.59 -10.27 5.32
C SER C 164 -3.60 -10.77 4.26
N GLY C 165 -2.63 -9.93 3.93
CA GLY C 165 -1.57 -10.30 3.02
C GLY C 165 -1.78 -9.89 1.59
N ALA C 166 -2.90 -9.23 1.28
CA ALA C 166 -3.19 -8.80 -0.09
C ALA C 166 -2.51 -7.48 -0.44
N LEU C 167 -1.86 -6.84 0.53
CA LEU C 167 -1.20 -5.55 0.34
C LEU C 167 0.21 -5.71 0.89
N THR C 168 1.20 -5.68 0.00
CA THR C 168 2.58 -5.85 0.38
C THR C 168 3.46 -4.73 -0.17
N SER C 169 3.05 -4.21 -1.31
CA SER C 169 3.80 -3.22 -2.06
C SER C 169 3.90 -1.91 -1.28
N GLY C 170 5.13 -1.43 -1.07
CA GLY C 170 5.29 -0.17 -0.37
C GLY C 170 5.13 -0.20 1.13
N VAL C 171 5.19 -1.39 1.77
CA VAL C 171 5.10 -1.50 3.23
C VAL C 171 6.50 -1.55 3.86
N HIS C 172 6.73 -0.72 4.85
CA HIS C 172 7.90 -0.82 5.71
C HIS C 172 7.44 -1.17 7.11
N THR C 173 7.76 -2.37 7.56
CA THR C 173 7.65 -2.73 8.96
C THR C 173 9.03 -2.52 9.58
N PHE C 174 9.12 -1.62 10.57
CA PHE C 174 10.38 -1.26 11.18
C PHE C 174 10.81 -2.30 12.21
N PRO C 175 12.11 -2.55 12.31
CA PRO C 175 12.66 -3.31 13.44
C PRO C 175 12.20 -2.71 14.77
N ALA C 176 11.88 -3.58 15.71
CA ALA C 176 11.43 -3.07 16.99
C ALA C 176 12.56 -2.35 17.71
N VAL C 177 12.19 -1.34 18.48
CA VAL C 177 13.09 -0.68 19.41
C VAL C 177 12.79 -1.26 20.77
N LEU C 178 13.81 -1.27 21.61
CA LEU C 178 13.65 -1.64 23.01
C LEU C 178 13.37 -0.37 23.78
N GLN C 179 12.16 -0.24 24.29
CA GLN C 179 11.85 0.92 25.11
C GLN C 179 12.49 0.78 26.48
N SER C 180 12.53 1.88 27.21
CA SER C 180 13.25 1.91 28.47
C SER C 180 12.60 1.01 29.52
N SER C 181 11.30 0.72 29.37
CA SER C 181 10.53 -0.21 30.19
C SER C 181 10.88 -1.67 29.95
N GLY C 182 11.77 -1.97 29.01
CA GLY C 182 12.02 -3.35 28.70
C GLY C 182 11.05 -3.96 27.72
N LEU C 183 10.00 -3.25 27.34
CA LEU C 183 9.05 -3.71 26.33
C LEU C 183 9.46 -3.18 24.96
N TYR C 184 9.16 -3.97 23.93
CA TYR C 184 9.47 -3.63 22.55
C TYR C 184 8.31 -2.82 21.92
N SER C 185 8.68 -1.95 20.95
CA SER C 185 7.77 -1.08 20.21
C SER C 185 8.17 -1.04 18.74
N LEU C 186 7.17 -0.93 17.85
CA LEU C 186 7.30 -1.10 16.41
C LEU C 186 6.23 -0.30 15.66
N SER C 187 6.48 0.00 14.38
CA SER C 187 5.49 0.63 13.52
C SER C 187 5.50 -0.06 12.17
N SER C 188 4.34 -0.16 11.53
CA SER C 188 4.22 -0.57 10.13
C SER C 188 3.60 0.56 9.33
N VAL C 189 4.21 0.90 8.22
CA VAL C 189 3.84 2.08 7.45
C VAL C 189 3.66 1.64 6.00
N VAL C 190 2.68 2.23 5.33
CA VAL C 190 2.50 2.05 3.90
C VAL C 190 2.27 3.42 3.25
N THR C 191 2.78 3.58 2.03
CA THR C 191 2.44 4.71 1.16
C THR C 191 1.42 4.27 0.11
N VAL C 192 0.34 5.03 -0.03
CA VAL C 192 -0.79 4.71 -0.92
C VAL C 192 -1.10 5.94 -1.77
N PRO C 193 -1.92 5.85 -2.82
CA PRO C 193 -2.34 7.09 -3.49
C PRO C 193 -3.39 7.81 -2.67
N SER C 194 -3.21 9.13 -2.56
CA SER C 194 -4.07 9.95 -1.72
C SER C 194 -5.45 10.18 -2.33
N SER C 195 -5.57 10.14 -3.66
CA SER C 195 -6.88 10.34 -4.27
C SER C 195 -7.87 9.26 -3.87
N SER C 196 -7.40 8.03 -3.69
CA SER C 196 -8.24 6.89 -3.38
C SER C 196 -8.43 6.63 -1.88
N LEU C 197 -7.93 7.52 -1.02
CA LEU C 197 -8.42 7.50 0.36
C LEU C 197 -9.90 7.84 0.36
N GLY C 198 -10.72 7.06 1.00
CA GLY C 198 -12.14 7.26 0.87
C GLY C 198 -12.82 6.33 -0.11
N THR C 199 -12.07 5.64 -0.98
CA THR C 199 -12.56 4.43 -1.63
C THR C 199 -11.83 3.14 -1.23
N GLN C 200 -10.58 3.19 -0.80
CA GLN C 200 -9.85 2.01 -0.37
C GLN C 200 -9.97 1.83 1.13
N THR C 201 -9.81 0.60 1.59
CA THR C 201 -9.74 0.33 3.02
C THR C 201 -8.41 -0.33 3.36
N TYR C 202 -7.83 0.08 4.48
CA TYR C 202 -6.53 -0.39 4.90
C TYR C 202 -6.65 -0.91 6.31
N ILE C 203 -6.39 -2.19 6.49
CA ILE C 203 -6.46 -2.82 7.80
C ILE C 203 -5.09 -3.38 8.11
N CYS C 204 -4.56 -3.04 9.26
CA CYS C 204 -3.34 -3.74 9.68
C CYS C 204 -3.73 -4.90 10.59
N ASN C 205 -3.13 -6.04 10.30
CA ASN C 205 -3.34 -7.29 11.01
C ASN C 205 -2.13 -7.54 11.88
N VAL C 206 -2.33 -7.45 13.19
CA VAL C 206 -1.26 -7.61 14.15
C VAL C 206 -1.51 -8.90 14.92
N ASN C 207 -0.50 -9.76 14.95
CA ASN C 207 -0.55 -11.05 15.62
C ASN C 207 0.67 -11.16 16.52
N HIS C 208 0.45 -11.18 17.82
CA HIS C 208 1.49 -11.48 18.80
C HIS C 208 1.21 -12.88 19.33
N LYS C 209 1.87 -13.88 18.76
CA LYS C 209 1.59 -15.26 19.13
C LYS C 209 1.87 -15.60 20.61
N PRO C 210 2.96 -15.13 21.25
CA PRO C 210 3.20 -15.56 22.64
C PRO C 210 2.17 -15.06 23.63
N SER C 211 1.38 -14.05 23.30
CA SER C 211 0.31 -13.60 24.17
C SER C 211 -1.09 -13.89 23.64
N ASN C 212 -1.19 -14.63 22.53
CA ASN C 212 -2.47 -14.89 21.84
C ASN C 212 -3.22 -13.60 21.56
N THR C 213 -2.50 -12.64 20.98
CA THR C 213 -3.08 -11.37 20.63
C THR C 213 -3.29 -11.35 19.13
N LYS C 214 -4.54 -11.27 18.71
CA LYS C 214 -4.87 -11.00 17.32
C LYS C 214 -5.69 -9.71 17.32
N VAL C 215 -5.25 -8.75 16.52
CA VAL C 215 -5.90 -7.46 16.41
C VAL C 215 -5.99 -7.09 14.95
N ASP C 216 -7.17 -6.67 14.52
CA ASP C 216 -7.35 -6.01 13.25
C ASP C 216 -7.69 -4.56 13.52
N LYS C 217 -6.94 -3.63 12.91
CA LYS C 217 -7.19 -2.21 13.09
C LYS C 217 -7.35 -1.55 11.72
N LYS C 218 -8.53 -0.99 11.49
CA LYS C 218 -8.82 -0.25 10.27
C LYS C 218 -8.35 1.18 10.44
N VAL C 219 -7.42 1.60 9.59
CA VAL C 219 -6.80 2.92 9.64
C VAL C 219 -7.67 3.87 8.84
N GLU C 220 -8.47 4.70 9.53
CA GLU C 220 -9.34 5.63 8.79
C GLU C 220 -8.68 7.01 8.70
N PRO C 221 -8.81 7.68 7.56
CA PRO C 221 -8.18 9.00 7.40
C PRO C 221 -8.80 10.06 8.29
N LYS C 222 -7.95 10.94 8.81
CA LYS C 222 -8.39 12.04 9.65
C LYS C 222 -9.12 13.06 8.80
N SER C 223 -10.12 13.72 9.41
CA SER C 223 -10.94 14.68 8.65
C SER C 223 -10.12 15.89 8.25
N CYS C 224 -9.15 16.26 9.09
CA CYS C 224 -8.11 17.23 8.76
C CYS C 224 -7.36 16.79 7.50
N ASP D 1 36.82 -31.49 12.62
CA ASP D 1 35.78 -31.17 11.65
C ASP D 1 36.30 -30.31 10.52
N ILE D 2 35.42 -30.05 9.56
CA ILE D 2 35.73 -29.22 8.40
C ILE D 2 35.32 -27.79 8.76
N VAL D 3 36.30 -26.90 8.93
CA VAL D 3 36.04 -25.50 9.25
C VAL D 3 35.87 -24.69 7.96
N MET D 4 34.80 -23.89 7.91
CA MET D 4 34.46 -23.05 6.74
C MET D 4 34.73 -21.59 7.07
N THR D 5 35.79 -21.04 6.48
CA THR D 5 36.17 -19.64 6.66
C THR D 5 35.65 -18.84 5.48
N GLN D 6 34.80 -17.85 5.75
CA GLN D 6 34.27 -17.05 4.65
C GLN D 6 34.83 -15.63 4.72
N SER D 7 34.98 -15.02 3.55
CA SER D 7 35.54 -13.69 3.49
C SER D 7 34.98 -12.99 2.26
N PRO D 8 34.75 -11.67 2.30
CA PRO D 8 34.78 -10.75 3.42
C PRO D 8 33.53 -10.88 4.28
N SER D 9 33.49 -10.21 5.42
CA SER D 9 32.29 -10.26 6.25
C SER D 9 31.17 -9.43 5.65
N SER D 10 31.50 -8.22 5.19
CA SER D 10 30.57 -7.37 4.45
C SER D 10 31.25 -6.92 3.18
N LEU D 11 30.49 -6.78 2.11
CA LEU D 11 31.00 -6.11 0.93
C LEU D 11 29.90 -5.20 0.40
N THR D 12 30.31 -4.10 -0.21
CA THR D 12 29.42 -3.03 -0.66
C THR D 12 29.63 -2.92 -2.17
N VAL D 13 28.52 -2.99 -2.92
CA VAL D 13 28.57 -2.99 -4.38
C VAL D 13 27.54 -2.00 -4.91
N THR D 14 27.81 -1.47 -6.10
CA THR D 14 26.82 -0.72 -6.87
C THR D 14 26.06 -1.72 -7.74
N ALA D 15 24.78 -1.43 -7.97
CA ALA D 15 23.96 -2.32 -8.78
C ALA D 15 24.48 -2.31 -10.19
N GLY D 16 24.83 -3.49 -10.69
CA GLY D 16 25.37 -3.66 -12.03
C GLY D 16 26.82 -4.07 -12.08
N GLU D 17 27.57 -3.85 -11.00
CA GLU D 17 28.98 -4.18 -10.97
C GLU D 17 29.18 -5.66 -10.62
N LYS D 18 30.39 -6.17 -10.89
CA LYS D 18 30.71 -7.56 -10.65
C LYS D 18 31.47 -7.69 -9.35
N VAL D 19 31.09 -8.69 -8.54
CA VAL D 19 31.80 -8.98 -7.30
C VAL D 19 31.97 -10.47 -7.08
N SER D 20 32.92 -10.81 -6.20
CA SER D 20 33.28 -12.16 -5.81
C SER D 20 33.46 -12.23 -4.29
N MET D 21 32.97 -13.31 -3.68
CA MET D 21 33.16 -13.61 -2.26
C MET D 21 33.78 -14.99 -2.12
N SER D 22 34.60 -15.20 -1.09
CA SER D 22 35.41 -16.39 -0.95
C SER D 22 34.92 -17.28 0.20
N CYS D 23 34.91 -18.58 -0.07
CA CYS D 23 34.68 -19.61 0.94
C CYS D 23 35.83 -20.62 0.91
N LYS D 24 36.53 -20.74 2.04
CA LYS D 24 37.71 -21.57 2.21
C LYS D 24 37.35 -22.70 3.18
N SER D 25 37.81 -23.91 2.89
CA SER D 25 37.59 -25.05 3.79
C SER D 25 38.91 -25.44 4.45
N SER D 26 38.83 -26.38 5.40
CA SER D 26 40.00 -26.98 6.02
C SER D 26 40.54 -28.15 5.22
N GLN D 27 39.71 -29.17 5.01
CA GLN D 27 40.06 -30.33 4.23
C GLN D 27 39.24 -30.34 2.96
N SER D 28 39.69 -31.13 2.00
CA SER D 28 39.04 -31.12 0.70
C SER D 28 37.64 -31.69 0.78
N LEU D 29 36.79 -31.21 -0.13
CA LEU D 29 35.40 -31.57 -0.25
C LEU D 29 35.17 -32.38 -1.52
N PHE D 30 36.26 -32.87 -2.10
CA PHE D 30 36.22 -33.59 -3.35
C PHE D 30 36.02 -35.08 -3.10
N THR D 31 35.18 -35.70 -3.91
CA THR D 31 35.00 -37.16 -3.88
C THR D 31 35.70 -37.71 -5.12
N SER D 32 36.58 -38.69 -4.92
CA SER D 32 37.24 -39.31 -6.06
C SER D 32 36.30 -40.24 -6.82
N GLY D 33 35.28 -40.76 -6.14
CA GLY D 33 34.39 -41.71 -6.80
C GLY D 33 33.38 -41.04 -7.72
N LYS D 34 32.79 -39.93 -7.28
CA LYS D 34 31.81 -39.20 -8.06
C LYS D 34 32.38 -37.97 -8.79
N GLN D 35 33.58 -37.56 -8.42
CA GLN D 35 34.30 -36.41 -9.01
C GLN D 35 33.54 -35.11 -8.86
N LYS D 36 32.76 -34.95 -7.80
CA LYS D 36 32.01 -33.71 -7.55
C LYS D 36 32.41 -33.10 -6.21
N ASN D 37 32.44 -31.76 -6.16
CA ASN D 37 32.73 -31.08 -4.92
C ASN D 37 31.43 -30.92 -4.13
N TYR D 38 31.51 -31.17 -2.82
CA TYR D 38 30.35 -31.13 -1.94
C TYR D 38 30.31 -29.81 -1.18
N LEU D 39 29.99 -28.75 -1.94
CA LEU D 39 29.78 -27.42 -1.41
C LEU D 39 28.41 -26.96 -1.85
N THR D 40 27.72 -26.23 -0.97
CA THR D 40 26.39 -25.71 -1.29
C THR D 40 26.30 -24.25 -0.88
N TRP D 41 25.78 -23.42 -1.78
CA TRP D 41 25.55 -22.00 -1.54
C TRP D 41 24.08 -21.72 -1.27
N TYR D 42 23.83 -20.91 -0.23
CA TYR D 42 22.51 -20.52 0.24
C TYR D 42 22.39 -18.99 0.30
N GLN D 43 21.21 -18.48 -0.06
CA GLN D 43 20.90 -17.06 -0.07
C GLN D 43 19.83 -16.84 0.99
N GLN D 44 20.10 -15.93 1.95
CA GLN D 44 19.15 -15.59 3.00
C GLN D 44 18.83 -14.10 2.92
N LYS D 45 17.67 -13.76 2.35
CA LYS D 45 17.14 -12.40 2.36
C LYS D 45 16.55 -12.07 3.74
N PRO D 46 16.44 -10.76 4.08
CA PRO D 46 16.06 -10.39 5.45
C PRO D 46 14.66 -10.86 5.82
N GLY D 47 14.52 -11.42 7.01
CA GLY D 47 13.22 -11.89 7.44
C GLY D 47 12.75 -13.20 6.82
N GLN D 48 13.57 -13.86 6.02
CA GLN D 48 13.19 -15.08 5.32
C GLN D 48 13.95 -16.30 5.82
N PRO D 49 13.46 -17.49 5.52
CA PRO D 49 14.32 -18.65 5.60
C PRO D 49 15.38 -18.57 4.52
N PRO D 50 16.44 -19.35 4.63
CA PRO D 50 17.39 -19.48 3.53
C PRO D 50 16.76 -20.16 2.33
N LYS D 51 17.31 -19.85 1.16
CA LYS D 51 16.90 -20.45 -0.10
C LYS D 51 18.08 -21.19 -0.70
N LEU D 52 17.83 -22.37 -1.26
CA LEU D 52 18.89 -23.08 -1.97
C LEU D 52 19.22 -22.35 -3.28
N LEU D 53 20.48 -21.96 -3.44
CA LEU D 53 20.97 -21.39 -4.69
C LEU D 53 21.72 -22.43 -5.52
N ILE D 54 22.83 -22.95 -4.97
CA ILE D 54 23.77 -23.72 -5.76
C ILE D 54 24.15 -25.00 -5.00
N TYR D 55 24.02 -26.15 -5.66
CA TYR D 55 24.50 -27.41 -5.09
C TYR D 55 25.53 -28.01 -6.04
N TRP D 56 26.43 -28.82 -5.48
CA TRP D 56 27.55 -29.46 -6.21
C TRP D 56 28.54 -28.42 -6.74
N ALA D 57 28.56 -27.27 -6.06
CA ALA D 57 29.51 -26.16 -6.14
C ALA D 57 29.34 -25.28 -7.37
N SER D 58 28.60 -25.76 -8.38
CA SER D 58 28.23 -24.90 -9.50
C SER D 58 26.88 -25.23 -10.13
N THR D 59 26.22 -26.35 -9.81
CA THR D 59 24.91 -26.67 -10.37
C THR D 59 23.86 -25.75 -9.73
N ARG D 60 23.07 -25.08 -10.58
CA ARG D 60 22.09 -24.14 -10.05
C ARG D 60 20.77 -24.83 -9.76
N ASN D 61 20.02 -24.26 -8.83
CA ASN D 61 18.70 -24.79 -8.52
C ASN D 61 17.70 -24.37 -9.61
N SER D 62 16.53 -24.99 -9.57
CA SER D 62 15.47 -24.70 -10.53
C SER D 62 14.96 -23.26 -10.41
N GLY D 63 14.82 -22.60 -11.56
CA GLY D 63 14.24 -21.27 -11.60
C GLY D 63 15.20 -20.16 -11.31
N LEU D 64 16.49 -20.39 -11.45
CA LEU D 64 17.43 -19.37 -11.00
C LEU D 64 17.96 -18.52 -12.16
N PRO D 65 18.22 -17.24 -11.93
CA PRO D 65 18.98 -16.47 -12.92
C PRO D 65 20.43 -16.92 -12.94
N ASP D 66 21.07 -16.74 -14.10
CA ASP D 66 22.40 -17.28 -14.30
C ASP D 66 23.52 -16.25 -14.14
N ARG D 67 23.32 -15.23 -13.30
CA ARG D 67 24.32 -14.21 -13.03
C ARG D 67 25.02 -14.45 -11.70
N PHE D 68 24.76 -15.61 -11.11
CA PHE D 68 25.42 -16.13 -9.92
C PHE D 68 26.20 -17.36 -10.36
N THR D 69 27.51 -17.33 -10.23
CA THR D 69 28.30 -18.51 -10.54
C THR D 69 29.06 -18.95 -9.31
N GLY D 70 29.13 -20.26 -9.09
CA GLY D 70 29.95 -20.83 -8.05
C GLY D 70 31.13 -21.55 -8.73
N SER D 71 32.32 -21.22 -8.26
CA SER D 71 33.54 -21.68 -8.91
C SER D 71 34.46 -22.30 -7.87
N GLY D 72 35.42 -23.07 -8.39
CA GLY D 72 36.43 -23.75 -7.60
C GLY D 72 36.22 -25.25 -7.55
N SER D 73 37.31 -25.93 -7.18
CA SER D 73 37.39 -27.36 -6.92
C SER D 73 38.42 -27.54 -5.82
N GLY D 74 38.52 -28.75 -5.27
CA GLY D 74 39.47 -28.93 -4.18
C GLY D 74 38.97 -28.28 -2.92
N THR D 75 39.70 -27.30 -2.38
CA THR D 75 39.33 -26.69 -1.11
C THR D 75 39.01 -25.18 -1.11
N ASP D 76 39.17 -24.45 -2.22
CA ASP D 76 38.85 -23.02 -2.22
C ASP D 76 37.79 -22.73 -3.27
N PHE D 77 36.75 -22.01 -2.87
CA PHE D 77 35.57 -21.78 -3.69
C PHE D 77 35.20 -20.31 -3.67
N THR D 78 34.51 -19.84 -4.72
CA THR D 78 34.06 -18.45 -4.75
C THR D 78 32.66 -18.38 -5.35
N LEU D 79 31.91 -17.39 -4.86
CA LEU D 79 30.62 -17.01 -5.44
C LEU D 79 30.78 -15.66 -6.14
N THR D 80 30.39 -15.59 -7.41
CA THR D 80 30.57 -14.41 -8.24
C THR D 80 29.23 -13.94 -8.76
N ILE D 81 28.92 -12.67 -8.55
CA ILE D 81 27.69 -12.07 -9.04
C ILE D 81 28.08 -11.00 -10.07
N SER D 82 27.73 -11.26 -11.34
CA SER D 82 28.17 -10.37 -12.41
C SER D 82 27.39 -9.07 -12.40
N SER D 83 26.08 -9.14 -12.26
CA SER D 83 25.31 -7.92 -12.05
C SER D 83 24.43 -8.14 -10.84
N VAL D 84 24.80 -7.50 -9.73
CA VAL D 84 23.97 -7.53 -8.54
C VAL D 84 22.77 -6.63 -8.80
N GLN D 85 21.59 -7.19 -8.66
CA GLN D 85 20.39 -6.37 -8.72
C GLN D 85 19.87 -6.16 -7.30
N ALA D 86 18.91 -5.24 -7.15
CA ALA D 86 18.47 -4.87 -5.81
C ALA D 86 17.80 -6.02 -5.09
N GLU D 87 17.29 -7.00 -5.83
CA GLU D 87 16.63 -8.18 -5.29
C GLU D 87 17.62 -9.15 -4.67
N ASP D 88 18.90 -8.87 -4.81
CA ASP D 88 19.93 -9.76 -4.31
C ASP D 88 20.51 -9.28 -2.99
N LEU D 89 19.83 -8.40 -2.26
CA LEU D 89 20.36 -8.02 -0.96
C LEU D 89 20.13 -9.18 0.00
N ALA D 90 21.21 -9.81 0.45
CA ALA D 90 21.11 -11.01 1.27
C ALA D 90 22.47 -11.33 1.86
N VAL D 91 22.44 -12.32 2.72
CA VAL D 91 23.65 -12.92 3.25
C VAL D 91 23.80 -14.25 2.54
N TYR D 92 25.01 -14.51 2.06
CA TYR D 92 25.30 -15.73 1.34
C TYR D 92 26.18 -16.66 2.20
N TYR D 93 25.80 -17.94 2.24
CA TYR D 93 26.39 -18.94 3.13
C TYR D 93 26.84 -20.15 2.33
N CYS D 94 28.08 -20.58 2.53
CA CYS D 94 28.52 -21.87 2.01
C CYS D 94 28.39 -22.93 3.09
N GLN D 95 28.18 -24.17 2.64
CA GLN D 95 28.08 -25.31 3.52
C GLN D 95 28.89 -26.49 2.99
N ASN D 96 29.74 -27.03 3.88
CA ASN D 96 30.32 -28.36 3.73
C ASN D 96 29.23 -29.43 3.72
N ASP D 97 29.24 -30.29 2.71
CA ASP D 97 28.31 -31.41 2.66
C ASP D 97 29.03 -32.72 2.35
N TYR D 98 30.34 -32.80 2.59
CA TYR D 98 31.13 -34.00 2.33
C TYR D 98 30.96 -35.02 3.46
N SER D 99 31.09 -34.56 4.70
CA SER D 99 30.98 -35.47 5.83
C SER D 99 30.42 -34.70 7.01
N TYR D 100 29.82 -35.45 7.93
CA TYR D 100 29.34 -34.88 9.18
C TYR D 100 30.53 -34.34 9.97
N PRO D 101 30.36 -33.21 10.70
CA PRO D 101 29.20 -32.35 10.71
C PRO D 101 29.19 -31.40 9.53
N PHE D 102 28.00 -31.09 9.04
CA PHE D 102 27.84 -30.37 7.78
C PHE D 102 27.87 -28.87 8.08
N THR D 103 29.09 -28.40 8.33
CA THR D 103 29.30 -27.06 8.86
C THR D 103 29.00 -25.99 7.82
N PHE D 104 28.48 -24.86 8.32
CA PHE D 104 28.24 -23.66 7.53
C PHE D 104 29.40 -22.69 7.58
N GLY D 105 29.44 -21.80 6.58
CA GLY D 105 30.32 -20.66 6.65
C GLY D 105 29.77 -19.55 7.52
N SER D 106 30.65 -18.59 7.82
CA SER D 106 30.25 -17.48 8.68
C SER D 106 29.31 -16.50 7.97
N GLY D 107 29.25 -16.55 6.64
CA GLY D 107 28.40 -15.68 5.85
C GLY D 107 29.09 -14.45 5.29
N THR D 108 28.78 -14.09 4.04
CA THR D 108 29.15 -12.80 3.48
C THR D 108 27.89 -12.01 3.17
N LYS D 109 27.77 -10.82 3.76
CA LYS D 109 26.63 -9.95 3.55
C LYS D 109 26.88 -9.07 2.33
N LEU D 110 25.92 -9.06 1.40
CA LEU D 110 26.02 -8.29 0.17
C LEU D 110 25.12 -7.06 0.28
N GLU D 111 25.73 -5.88 0.19
CA GLU D 111 25.03 -4.62 0.35
C GLU D 111 25.13 -3.81 -0.93
N ILE D 112 24.13 -2.95 -1.15
CA ILE D 112 24.00 -2.22 -2.39
C ILE D 112 24.31 -0.74 -2.13
N LYS D 113 25.08 -0.14 -3.04
CA LYS D 113 25.32 1.30 -3.10
C LYS D 113 24.53 1.85 -4.28
N ARG D 114 23.77 2.92 -4.05
CA ARG D 114 23.01 3.52 -5.14
C ARG D 114 23.28 5.01 -5.19
N THR D 115 22.55 5.72 -6.03
CA THR D 115 22.69 7.17 -6.05
C THR D 115 21.80 7.81 -4.97
N VAL D 116 21.98 9.11 -4.78
CA VAL D 116 21.40 9.80 -3.63
C VAL D 116 19.89 9.95 -3.81
N ALA D 117 19.13 9.60 -2.78
CA ALA D 117 17.69 9.79 -2.75
C ALA D 117 17.29 10.59 -1.53
N ALA D 118 16.65 11.74 -1.76
CA ALA D 118 16.16 12.54 -0.65
C ALA D 118 14.96 11.83 -0.02
N PRO D 119 14.81 11.93 1.30
CA PRO D 119 13.67 11.27 1.96
C PRO D 119 12.38 12.05 1.77
N SER D 120 11.27 11.31 1.69
CA SER D 120 9.96 11.94 1.84
C SER D 120 9.62 11.94 3.32
N VAL D 121 9.14 13.07 3.82
CA VAL D 121 9.00 13.26 5.27
C VAL D 121 7.53 13.45 5.60
N PHE D 122 7.06 12.71 6.58
CA PHE D 122 5.66 12.76 7.03
C PHE D 122 5.69 12.85 8.54
N ILE D 123 4.70 13.53 9.12
CA ILE D 123 4.55 13.53 10.57
C ILE D 123 3.15 13.00 10.91
N PHE D 124 3.08 12.19 11.97
CA PHE D 124 1.82 11.64 12.47
C PHE D 124 1.59 12.10 13.89
N PRO D 125 0.55 12.89 14.15
CA PRO D 125 0.18 13.21 15.52
C PRO D 125 -0.36 11.98 16.20
N PRO D 126 -0.36 11.95 17.53
CA PRO D 126 -0.90 10.79 18.25
C PRO D 126 -2.40 10.64 18.03
N SER D 127 -2.84 9.38 18.03
CA SER D 127 -4.25 9.04 17.84
C SER D 127 -5.08 9.41 19.07
N ASP D 128 -6.39 9.60 18.85
CA ASP D 128 -7.27 9.88 19.98
C ASP D 128 -7.35 8.68 20.91
N GLU D 129 -7.29 7.48 20.36
CA GLU D 129 -7.40 6.28 21.18
C GLU D 129 -6.21 6.17 22.14
N GLN D 130 -4.99 6.53 21.70
CA GLN D 130 -3.82 6.48 22.57
C GLN D 130 -3.85 7.60 23.61
N LEU D 131 -4.28 8.79 23.23
CA LEU D 131 -4.40 9.89 24.20
C LEU D 131 -5.41 9.59 25.29
N LYS D 132 -6.40 8.76 24.98
CA LYS D 132 -7.30 8.26 26.01
C LYS D 132 -6.59 7.34 27.00
N SER D 133 -5.47 6.72 26.58
CA SER D 133 -4.68 5.84 27.43
C SER D 133 -3.70 6.57 28.35
N GLY D 134 -3.36 7.82 28.07
CA GLY D 134 -2.45 8.56 28.93
C GLY D 134 -1.10 8.83 28.32
N THR D 135 -0.62 7.97 27.42
CA THR D 135 0.59 8.32 26.71
C THR D 135 0.24 8.94 25.36
N ALA D 136 1.21 9.66 24.79
CA ALA D 136 1.05 10.32 23.51
C ALA D 136 2.37 10.18 22.79
N SER D 137 2.42 9.36 21.77
CA SER D 137 3.64 9.21 20.99
C SER D 137 3.41 9.80 19.60
N VAL D 138 4.30 10.71 19.20
CA VAL D 138 4.27 11.42 17.93
C VAL D 138 5.31 10.82 17.00
N VAL D 139 4.94 10.47 15.77
CA VAL D 139 5.94 9.81 14.94
C VAL D 139 6.32 10.68 13.73
N CYS D 140 7.59 10.56 13.35
CA CYS D 140 8.15 11.21 12.18
C CYS D 140 8.72 10.14 11.27
N LEU D 141 8.32 10.17 9.99
CA LEU D 141 8.61 9.12 9.02
C LEU D 141 9.49 9.71 7.91
N LEU D 142 10.69 9.17 7.73
CA LEU D 142 11.53 9.45 6.56
C LEU D 142 11.46 8.23 5.62
N ASN D 143 10.91 8.40 4.44
CA ASN D 143 10.68 7.26 3.56
C ASN D 143 11.64 7.31 2.37
N ASN D 144 12.29 6.15 2.10
CA ASN D 144 12.93 5.80 0.82
C ASN D 144 14.08 6.73 0.43
N PHE D 145 15.09 6.78 1.28
CA PHE D 145 16.22 7.67 1.09
C PHE D 145 17.52 6.88 1.02
N TYR D 146 18.53 7.54 0.46
CA TYR D 146 19.89 7.07 0.40
C TYR D 146 20.76 8.31 0.33
N PRO D 147 21.89 8.35 1.06
CA PRO D 147 22.44 7.32 1.96
C PRO D 147 21.72 7.17 3.31
N ARG D 148 22.22 6.24 4.14
CA ARG D 148 21.59 5.84 5.40
C ARG D 148 21.69 6.92 6.48
N GLU D 149 22.77 7.70 6.46
CA GLU D 149 22.98 8.74 7.46
C GLU D 149 21.96 9.84 7.30
N ALA D 150 21.25 10.16 8.39
CA ALA D 150 20.19 11.16 8.38
C ALA D 150 20.01 11.73 9.78
N LYS D 151 19.85 13.05 9.86
CA LYS D 151 19.69 13.75 11.14
C LYS D 151 18.24 14.14 11.32
N VAL D 152 17.68 13.81 12.47
CA VAL D 152 16.29 14.10 12.78
C VAL D 152 16.24 14.73 14.15
N GLN D 153 15.60 15.89 14.25
CA GLN D 153 15.49 16.64 15.50
C GLN D 153 14.04 17.00 15.78
N TRP D 154 13.62 16.73 17.02
CA TRP D 154 12.31 17.11 17.53
C TRP D 154 12.38 18.52 18.11
N LYS D 155 11.46 19.37 17.71
CA LYS D 155 11.36 20.71 18.27
C LYS D 155 9.94 20.89 18.77
N VAL D 156 9.79 21.17 20.06
CA VAL D 156 8.49 21.35 20.68
C VAL D 156 8.36 22.80 21.14
N ASP D 157 7.44 23.53 20.51
CA ASP D 157 7.38 24.99 20.60
C ASP D 157 8.75 25.60 20.37
N ASN D 158 9.38 25.16 19.28
CA ASN D 158 10.70 25.61 18.83
C ASN D 158 11.78 25.43 19.90
N ALA D 159 11.63 24.43 20.76
CA ALA D 159 12.65 24.10 21.75
C ALA D 159 13.17 22.70 21.43
N LEU D 160 14.43 22.62 21.02
CA LEU D 160 15.05 21.35 20.66
C LEU D 160 14.98 20.37 21.84
N GLN D 161 14.47 19.16 21.58
CA GLN D 161 14.29 18.14 22.60
C GLN D 161 15.50 17.21 22.68
N SER D 162 15.76 16.66 23.86
CA SER D 162 16.91 15.78 24.00
C SER D 162 16.60 14.38 24.49
N GLY D 163 15.54 14.15 25.25
CA GLY D 163 15.12 12.80 25.55
C GLY D 163 13.92 12.37 24.73
N ASN D 164 13.36 11.23 25.13
CA ASN D 164 12.04 10.79 24.73
C ASN D 164 11.87 10.46 23.26
N SER D 165 12.93 10.42 22.45
CA SER D 165 12.80 10.01 21.05
C SER D 165 13.57 8.71 20.85
N GLN D 166 12.97 7.79 20.12
CA GLN D 166 13.65 6.58 19.68
C GLN D 166 13.57 6.46 18.17
N GLU D 167 14.66 6.00 17.53
CA GLU D 167 14.75 5.91 16.08
C GLU D 167 14.84 4.45 15.65
N SER D 168 14.36 4.14 14.46
CA SER D 168 14.48 2.81 13.88
C SER D 168 14.66 2.96 12.38
N VAL D 169 15.67 2.31 11.82
CA VAL D 169 15.89 2.36 10.38
C VAL D 169 15.65 0.96 9.85
N THR D 170 15.04 0.88 8.66
CA THR D 170 14.77 -0.41 8.05
C THR D 170 16.03 -0.98 7.43
N GLU D 171 15.93 -2.25 7.05
CA GLU D 171 16.93 -2.81 6.15
C GLU D 171 16.80 -2.15 4.78
N GLN D 172 17.84 -2.33 3.97
CA GLN D 172 17.84 -1.84 2.61
C GLN D 172 16.74 -2.53 1.80
N ASP D 173 16.03 -1.74 1.00
CA ASP D 173 14.86 -2.21 0.29
C ASP D 173 15.25 -3.11 -0.89
N SER D 174 14.51 -4.20 -1.07
CA SER D 174 14.83 -5.16 -2.13
C SER D 174 14.35 -4.73 -3.50
N LYS D 175 13.63 -3.61 -3.63
CA LYS D 175 13.19 -3.08 -4.91
C LYS D 175 14.03 -1.88 -5.37
N ASP D 176 14.30 -0.90 -4.49
CA ASP D 176 15.06 0.28 -4.88
C ASP D 176 16.28 0.59 -4.01
N SER D 177 16.68 -0.32 -3.12
CA SER D 177 17.89 -0.23 -2.32
C SER D 177 17.94 1.00 -1.40
N THR D 178 16.81 1.59 -1.04
CA THR D 178 16.82 2.73 -0.13
C THR D 178 16.55 2.30 1.32
N TYR D 179 16.58 3.28 2.21
CA TYR D 179 16.34 3.08 3.63
C TYR D 179 15.11 3.89 4.01
N SER D 180 14.51 3.51 5.14
CA SER D 180 13.40 4.25 5.70
C SER D 180 13.65 4.33 7.19
N LEU D 181 13.31 5.46 7.77
CA LEU D 181 13.55 5.74 9.17
C LEU D 181 12.26 6.18 9.84
N SER D 182 12.06 5.75 11.08
CA SER D 182 11.01 6.27 11.94
C SER D 182 11.64 6.82 13.20
N SER D 183 11.17 7.98 13.65
CA SER D 183 11.52 8.49 14.97
C SER D 183 10.24 8.81 15.75
N THR D 184 10.14 8.30 16.96
CA THR D 184 8.94 8.41 17.78
C THR D 184 9.27 9.15 19.06
N LEU D 185 8.55 10.22 19.31
CA LEU D 185 8.64 10.99 20.54
C LEU D 185 7.50 10.56 21.44
N THR D 186 7.79 10.14 22.67
CA THR D 186 6.78 9.59 23.57
C THR D 186 6.75 10.41 24.85
N LEU D 187 5.60 11.04 25.12
CA LEU D 187 5.35 11.87 26.30
C LEU D 187 4.14 11.34 27.04
N SER D 188 4.00 11.71 28.29
CA SER D 188 2.71 11.53 28.93
C SER D 188 1.69 12.49 28.30
N LYS D 189 0.39 12.13 28.44
CA LYS D 189 -0.67 13.04 28.00
C LYS D 189 -0.57 14.39 28.69
N ALA D 190 -0.17 14.38 29.96
CA ALA D 190 -0.06 15.62 30.72
C ALA D 190 1.00 16.54 30.12
N ASP D 191 2.20 16.04 29.90
CA ASP D 191 3.24 16.87 29.32
C ASP D 191 3.00 17.13 27.84
N TYR D 192 2.21 16.27 27.18
CA TYR D 192 1.86 16.55 25.80
C TYR D 192 0.93 17.75 25.67
N GLU D 193 -0.02 17.90 26.58
CA GLU D 193 -0.97 18.99 26.45
C GLU D 193 -0.43 20.35 26.85
N LYS D 194 0.74 20.44 27.47
CA LYS D 194 1.30 21.72 27.86
C LYS D 194 2.08 22.41 26.74
N HIS D 195 2.01 21.92 25.51
CA HIS D 195 2.75 22.52 24.41
C HIS D 195 1.88 22.53 23.16
N LYS D 196 2.27 23.33 22.17
CA LYS D 196 1.42 23.57 21.00
C LYS D 196 2.03 23.07 19.69
N VAL D 197 3.21 23.52 19.32
CA VAL D 197 3.79 23.19 18.03
C VAL D 197 4.71 22.01 18.21
N TYR D 198 4.44 20.93 17.49
CA TYR D 198 5.29 19.74 17.50
C TYR D 198 5.86 19.61 16.10
N ALA D 199 7.18 19.65 15.98
CA ALA D 199 7.84 19.69 14.69
C ALA D 199 8.98 18.69 14.59
N CYS D 200 9.24 18.26 13.36
CA CYS D 200 10.28 17.29 13.02
C CYS D 200 11.15 17.93 11.93
N GLU D 201 12.39 18.28 12.27
CA GLU D 201 13.33 18.85 11.32
C GLU D 201 14.29 17.77 10.87
N VAL D 202 14.49 17.65 9.55
CA VAL D 202 15.18 16.54 8.89
C VAL D 202 16.30 17.10 8.04
N THR D 203 17.49 16.55 8.23
CA THR D 203 18.68 16.91 7.47
C THR D 203 19.22 15.67 6.78
N HIS D 204 19.47 15.78 5.48
CA HIS D 204 19.95 14.64 4.70
C HIS D 204 20.66 15.17 3.46
N GLN D 205 21.62 14.40 2.95
CA GLN D 205 22.47 14.87 1.85
C GLN D 205 21.70 15.09 0.56
N GLY D 206 20.49 14.56 0.41
CA GLY D 206 19.71 14.77 -0.79
C GLY D 206 18.82 16.01 -0.77
N LEU D 207 18.68 16.63 0.40
CA LEU D 207 17.85 17.82 0.61
C LEU D 207 18.77 19.03 0.62
N SER D 208 18.42 20.02 -0.21
CA SER D 208 19.20 21.25 -0.29
C SER D 208 19.19 22.01 1.03
N SER D 209 18.02 22.14 1.64
CA SER D 209 17.82 22.84 2.89
C SER D 209 17.10 21.90 3.84
N PRO D 210 17.23 22.09 5.17
CA PRO D 210 16.55 21.20 6.10
C PRO D 210 15.04 21.30 5.96
N VAL D 211 14.38 20.16 6.06
CA VAL D 211 12.94 20.03 5.85
C VAL D 211 12.29 19.82 7.20
N THR D 212 11.28 20.63 7.52
CA THR D 212 10.58 20.49 8.79
C THR D 212 9.10 20.22 8.51
N LYS D 213 8.55 19.18 9.14
CA LYS D 213 7.11 18.91 9.11
C LYS D 213 6.57 19.13 10.51
N SER D 214 5.50 19.91 10.64
CA SER D 214 5.03 20.35 11.95
C SER D 214 3.50 20.40 12.01
N PHE D 215 2.95 20.25 13.22
CA PHE D 215 1.53 20.51 13.47
C PHE D 215 1.32 21.19 14.81
N ASN D 216 0.15 21.82 14.96
CA ASN D 216 -0.32 22.38 16.22
C ASN D 216 -1.26 21.36 16.83
N ARG D 217 -1.12 21.16 18.13
CA ARG D 217 -1.83 20.09 18.82
C ARG D 217 -3.34 20.34 18.79
N GLY D 218 -4.10 19.43 18.20
CA GLY D 218 -5.53 19.63 18.07
C GLY D 218 -5.98 20.19 16.74
N GLU D 219 -5.05 20.46 15.82
CA GLU D 219 -5.28 20.93 14.45
C GLU D 219 -6.07 22.23 14.35
N ASN E 2 14.21 -44.48 -5.04
CA ASN E 2 15.51 -44.64 -5.70
C ASN E 2 16.60 -43.92 -4.93
N GLY E 3 16.74 -42.62 -5.25
CA GLY E 3 17.76 -41.81 -4.63
C GLY E 3 17.48 -41.52 -3.17
N ALA E 4 18.54 -41.11 -2.46
CA ALA E 4 18.48 -40.69 -1.07
C ALA E 4 19.60 -39.68 -0.84
N GLY E 5 19.29 -38.60 -0.10
CA GLY E 5 18.03 -38.37 0.58
C GLY E 5 18.00 -38.73 2.06
N ASN E 6 18.02 -40.01 2.38
CA ASN E 6 18.30 -40.44 3.73
C ASN E 6 19.73 -40.91 3.86
N GLN E 7 20.58 -40.61 2.88
CA GLN E 7 22.00 -40.96 2.89
C GLN E 7 22.85 -39.75 2.55
N PRO E 8 22.99 -38.78 3.46
CA PRO E 8 23.75 -37.56 3.14
C PRO E 8 25.26 -37.73 3.23
N GLY E 9 25.96 -36.94 2.41
CA GLY E 9 27.41 -36.98 2.37
C GLY E 9 28.00 -37.85 1.27
N ALA E 10 29.29 -38.17 1.46
CA ALA E 10 30.04 -38.95 0.48
C ALA E 10 29.45 -40.35 0.30
N ASN E 11 29.42 -41.14 1.37
CA ASN E 11 28.81 -42.47 1.33
C ASN E 11 27.79 -42.71 2.44
N GLY E 12 27.28 -41.65 3.07
CA GLY E 12 26.29 -41.79 4.12
C GLY E 12 26.75 -41.31 5.49
N ALA E 13 26.42 -40.06 5.84
CA ALA E 13 26.75 -39.49 7.14
C ALA E 13 25.56 -38.72 7.73
N GLY F 3 -31.57 41.09 -11.62
CA GLY F 3 -30.86 41.12 -10.35
C GLY F 3 -29.36 40.85 -10.42
N ALA F 4 -28.73 40.64 -9.26
CA ALA F 4 -27.32 40.29 -9.16
C ALA F 4 -27.11 39.43 -7.90
N GLY F 5 -26.09 38.57 -7.90
CA GLY F 5 -25.26 38.18 -9.06
C GLY F 5 -23.77 38.53 -8.95
N ASN F 6 -23.50 39.75 -8.50
CA ASN F 6 -22.17 40.20 -8.14
C ASN F 6 -22.18 40.82 -6.76
N GLN F 7 -23.22 40.51 -5.97
CA GLN F 7 -23.38 41.02 -4.61
C GLN F 7 -23.85 39.87 -3.75
N PRO F 8 -22.95 38.97 -3.36
CA PRO F 8 -23.35 37.78 -2.59
C PRO F 8 -23.68 38.13 -1.14
N GLY F 9 -24.40 37.21 -0.50
CA GLY F 9 -24.68 37.37 0.92
C GLY F 9 -25.88 38.24 1.21
N ALA F 10 -25.99 38.58 2.51
CA ALA F 10 -27.15 39.31 3.04
C ALA F 10 -27.23 40.73 2.49
N ASN F 11 -26.19 41.53 2.71
CA ASN F 11 -26.19 42.92 2.33
C ASN F 11 -25.30 43.21 1.13
N GLY F 12 -24.72 42.18 0.52
CA GLY F 12 -23.79 42.35 -0.57
C GLY F 12 -22.33 42.35 -0.15
NA NA G . -3.28 -2.53 -11.85
C ACT H . -8.22 -2.27 -0.86
O ACT H . -8.37 -3.53 -0.95
OXT ACT H . -9.11 -1.39 -0.58
CH3 ACT H . -6.75 -1.72 -1.12
NA NA I . 8.23 3.01 17.29
#